data_5DHG
#
_entry.id   5DHG
#
_cell.length_a   42.079
_cell.length_b   171.696
_cell.length_c   66.491
_cell.angle_alpha   90.00
_cell.angle_beta   103.25
_cell.angle_gamma   90.00
#
_symmetry.space_group_name_H-M   'P 1 21 1'
#
loop_
_entity.id
_entity.type
_entity.pdbx_description
1 polymer 'Soluble cytochrome b562,Nociceptin receptor'
2 non-polymer 1-benzyl-N-{3-[4-(2,6-dichlorophenyl)piperidin-1-yl]propyl}-D-prolinamide
3 non-polymer 'OLEIC ACID'
4 non-polymer '(2R)-2,3-dihydroxypropyl (9Z)-octadec-9-enoate'
#
_entity_poly.entity_id   1
_entity_poly.type   'polypeptide(L)'
_entity_poly.pdbx_seq_one_letter_code
;DYKDDDDGAPADLEDNWETLNDNLKVIEKADNAAQVKDALTKMRAAALDAQKATPPKLEDKSPDSPEMKDFRHGFDILVG
QIDDALKLANEGKVKEAQAAAEQLKTTRNAYIQKYLGAFLPLGLKVTIVGLYLAVCVGGLLGNCLVMYVILRHTKMKTAT
NIYIFNLALADTLVLLTLPFQGTDILLGFWPFGNALCKTVIAIDYYNMFTSTFTLTAMSVDRYVAICHPIRALDVRTSSK
AQAVNVAIWALASVVGVPVAIMGSAQVEDEEIECLVEIPTPQDYWGPVFAICIFLFSFIVPVLVISVCYSLMIRRLRGVR
LLSGSREKDRNLRRITRLVLVVVAVFVGCWTPVQVFVLAQGLGVQPSSETAVAILRFCTALGYVNSCLNPILYAFLDENF
KACFRKFCCASALGRPLEVLFQGP
;
_entity_poly.pdbx_strand_id   A,B
#
# COMPACT_ATOMS: atom_id res chain seq x y z
N PRO A 121 14.56 -10.03 16.31
CA PRO A 121 14.35 -9.03 17.36
C PRO A 121 13.18 -8.11 17.06
N LEU A 122 13.06 -7.03 17.84
CA LEU A 122 11.89 -6.17 17.72
C LEU A 122 11.86 -5.45 16.37
N GLY A 123 12.97 -4.82 15.98
CA GLY A 123 12.99 -4.08 14.74
C GLY A 123 12.98 -4.97 13.51
N LEU A 124 13.65 -6.12 13.59
CA LEU A 124 13.67 -7.05 12.46
C LEU A 124 12.30 -7.64 12.19
N LYS A 125 11.54 -7.94 13.25
CA LYS A 125 10.17 -8.43 13.05
C LYS A 125 9.23 -7.31 12.64
N VAL A 126 9.52 -6.07 13.03
CA VAL A 126 8.81 -4.92 12.45
C VAL A 126 9.02 -4.91 10.94
N THR A 127 10.24 -5.20 10.49
CA THR A 127 10.49 -5.33 9.06
C THR A 127 9.62 -6.41 8.44
N ILE A 128 9.56 -7.59 9.07
CA ILE A 128 8.74 -8.69 8.57
C ILE A 128 7.29 -8.25 8.42
N VAL A 129 6.74 -7.64 9.47
CA VAL A 129 5.32 -7.30 9.47
C VAL A 129 5.02 -6.22 8.43
N GLY A 130 5.87 -5.20 8.37
CA GLY A 130 5.72 -4.19 7.31
C GLY A 130 5.77 -4.80 5.93
N LEU A 131 6.68 -5.77 5.73
CA LEU A 131 6.71 -6.51 4.48
C LEU A 131 5.38 -7.20 4.23
N TYR A 132 4.80 -7.82 5.26
CA TYR A 132 3.49 -8.46 5.11
C TYR A 132 2.43 -7.47 4.67
N LEU A 133 2.37 -6.31 5.35
CA LEU A 133 1.38 -5.30 5.01
C LEU A 133 1.49 -4.90 3.54
N ALA A 134 2.73 -4.68 3.07
CA ALA A 134 2.94 -4.32 1.67
C ALA A 134 2.43 -5.42 0.75
N VAL A 135 2.89 -6.66 0.97
CA VAL A 135 2.42 -7.79 0.18
C VAL A 135 0.90 -7.91 0.24
N CYS A 136 0.30 -7.59 1.39
CA CYS A 136 -1.14 -7.74 1.57
C CYS A 136 -1.90 -6.74 0.71
N VAL A 137 -1.56 -5.45 0.82
CA VAL A 137 -2.25 -4.42 0.04
C VAL A 137 -2.05 -4.63 -1.45
N GLY A 138 -0.79 -4.74 -1.87
CA GLY A 138 -0.50 -4.90 -3.29
C GLY A 138 -1.05 -6.20 -3.86
N GLY A 139 -1.00 -7.27 -3.06
CA GLY A 139 -1.47 -8.56 -3.55
C GLY A 139 -2.97 -8.60 -3.72
N LEU A 140 -3.71 -8.11 -2.71
CA LEU A 140 -5.16 -8.05 -2.83
C LEU A 140 -5.56 -7.16 -4.00
N LEU A 141 -4.90 -6.01 -4.15
CA LEU A 141 -5.20 -5.13 -5.27
C LEU A 141 -5.00 -5.84 -6.60
N GLY A 142 -3.84 -6.48 -6.78
CA GLY A 142 -3.54 -7.12 -8.05
C GLY A 142 -4.45 -8.29 -8.35
N ASN A 143 -4.59 -9.21 -7.39
CA ASN A 143 -5.38 -10.40 -7.63
C ASN A 143 -6.86 -10.08 -7.78
N CYS A 144 -7.38 -9.14 -6.98
CA CYS A 144 -8.76 -8.71 -7.16
C CYS A 144 -8.95 -8.11 -8.56
N LEU A 145 -7.98 -7.34 -9.02
CA LEU A 145 -8.02 -6.81 -10.38
C LEU A 145 -8.12 -7.94 -11.40
N VAL A 146 -7.24 -8.93 -11.29
CA VAL A 146 -7.21 -10.03 -12.25
C VAL A 146 -8.56 -10.76 -12.26
N MET A 147 -9.04 -11.13 -11.07
CA MET A 147 -10.31 -11.84 -10.97
C MET A 147 -11.44 -11.05 -11.61
N TYR A 148 -11.47 -9.73 -11.37
CA TYR A 148 -12.47 -8.87 -11.99
C TYR A 148 -12.37 -8.93 -13.51
N VAL A 149 -11.16 -8.77 -14.05
CA VAL A 149 -10.97 -8.70 -15.49
C VAL A 149 -11.48 -9.96 -16.16
N ILE A 150 -11.13 -11.13 -15.62
CA ILE A 150 -11.54 -12.38 -16.24
C ILE A 150 -13.04 -12.62 -16.04
N LEU A 151 -13.55 -12.32 -14.84
CA LEU A 151 -14.90 -12.70 -14.48
C LEU A 151 -15.94 -11.94 -15.31
N ARG A 152 -15.97 -10.62 -15.17
CA ARG A 152 -17.02 -9.80 -15.76
C ARG A 152 -16.54 -8.97 -16.94
N HIS A 153 -15.42 -8.25 -16.78
CA HIS A 153 -14.97 -7.25 -17.75
C HIS A 153 -15.04 -7.74 -19.19
N THR A 154 -14.61 -8.96 -19.45
CA THR A 154 -14.46 -9.41 -20.83
C THR A 154 -14.72 -10.91 -20.90
N LYS A 155 -15.23 -11.34 -22.06
CA LYS A 155 -15.23 -12.75 -22.44
C LYS A 155 -13.83 -13.18 -22.89
N MET A 156 -12.88 -13.05 -21.97
CA MET A 156 -11.54 -13.62 -22.12
C MET A 156 -11.37 -14.85 -21.24
N LYS A 157 -12.47 -15.59 -21.03
CA LYS A 157 -12.49 -16.80 -20.21
C LYS A 157 -11.92 -17.97 -21.02
N THR A 158 -10.61 -17.91 -21.23
CA THR A 158 -9.91 -19.01 -21.87
C THR A 158 -9.44 -19.98 -20.80
N ALA A 159 -9.07 -21.20 -21.24
CA ALA A 159 -8.68 -22.24 -20.30
C ALA A 159 -7.56 -21.76 -19.37
N THR A 160 -6.51 -21.17 -19.94
CA THR A 160 -5.41 -20.67 -19.12
C THR A 160 -5.89 -19.63 -18.12
N ASN A 161 -6.80 -18.74 -18.54
CA ASN A 161 -7.26 -17.67 -17.66
C ASN A 161 -8.19 -18.18 -16.57
N ILE A 162 -8.93 -19.26 -16.83
CA ILE A 162 -9.73 -19.86 -15.77
C ILE A 162 -8.83 -20.46 -14.70
N TYR A 163 -7.72 -21.08 -15.12
CA TYR A 163 -6.73 -21.57 -14.16
C TYR A 163 -6.05 -20.41 -13.43
N ILE A 164 -5.76 -19.33 -14.16
CA ILE A 164 -5.21 -18.13 -13.53
C ILE A 164 -6.17 -17.60 -12.48
N PHE A 165 -7.46 -17.60 -12.79
CA PHE A 165 -8.48 -17.20 -11.82
C PHE A 165 -8.38 -18.03 -10.55
N ASN A 166 -8.20 -19.35 -10.70
CA ASN A 166 -8.03 -20.23 -9.56
C ASN A 166 -6.85 -19.79 -8.71
N LEU A 167 -5.71 -19.52 -9.35
CA LEU A 167 -4.53 -19.05 -8.64
C LEU A 167 -4.83 -17.78 -7.87
N ALA A 168 -5.47 -16.80 -8.53
CA ALA A 168 -5.74 -15.53 -7.89
C ALA A 168 -6.67 -15.69 -6.69
N LEU A 169 -7.62 -16.62 -6.77
CA LEU A 169 -8.52 -16.88 -5.66
C LEU A 169 -7.76 -17.37 -4.44
N ALA A 170 -6.88 -18.36 -4.63
CA ALA A 170 -6.08 -18.87 -3.51
C ALA A 170 -5.19 -17.79 -2.94
N ASP A 171 -4.51 -17.03 -3.81
CA ASP A 171 -3.68 -15.92 -3.34
C ASP A 171 -4.49 -14.96 -2.49
N THR A 172 -5.72 -14.65 -2.91
CA THR A 172 -6.58 -13.75 -2.16
C THR A 172 -6.77 -14.22 -0.73
N LEU A 173 -7.12 -15.50 -0.56
CA LEU A 173 -7.37 -16.04 0.77
C LEU A 173 -6.14 -15.91 1.67
N VAL A 174 -4.99 -16.41 1.21
CA VAL A 174 -3.80 -16.39 2.05
C VAL A 174 -3.38 -14.96 2.35
N LEU A 175 -3.51 -14.08 1.35
CA LEU A 175 -3.25 -12.66 1.58
C LEU A 175 -4.10 -12.12 2.72
N LEU A 176 -5.37 -12.54 2.78
CA LEU A 176 -6.23 -12.13 3.89
C LEU A 176 -5.70 -12.60 5.23
N THR A 177 -4.93 -13.68 5.25
CA THR A 177 -4.38 -14.17 6.50
C THR A 177 -3.16 -13.37 6.96
N LEU A 178 -2.46 -12.70 6.04
CA LEU A 178 -1.22 -12.01 6.38
C LEU A 178 -1.35 -11.04 7.55
N PRO A 179 -2.38 -10.21 7.68
CA PRO A 179 -2.44 -9.31 8.85
C PRO A 179 -2.44 -10.07 10.17
N PHE A 180 -3.18 -11.18 10.25
CA PHE A 180 -3.27 -11.92 11.51
C PHE A 180 -1.94 -12.55 11.87
N GLN A 181 -1.31 -13.24 10.91
CA GLN A 181 0.02 -13.78 11.13
C GLN A 181 0.99 -12.69 11.55
N GLY A 182 0.85 -11.49 10.97
CA GLY A 182 1.73 -10.38 11.33
C GLY A 182 1.62 -10.01 12.80
N THR A 183 0.39 -9.89 13.32
CA THR A 183 0.23 -9.60 14.73
C THR A 183 0.80 -10.71 15.60
N ASP A 184 0.65 -11.96 15.16
CA ASP A 184 1.25 -13.07 15.90
C ASP A 184 2.76 -12.91 16.00
N ILE A 185 3.40 -12.53 14.89
CA ILE A 185 4.85 -12.31 14.91
C ILE A 185 5.22 -11.22 15.90
N LEU A 186 4.42 -10.15 15.94
CA LEU A 186 4.70 -9.05 16.85
C LEU A 186 4.54 -9.47 18.31
N LEU A 187 3.34 -9.91 18.67
CA LEU A 187 3.06 -10.20 20.07
C LEU A 187 3.85 -11.39 20.59
N GLY A 188 4.16 -12.35 19.73
CA GLY A 188 4.79 -13.59 20.16
C GLY A 188 3.84 -14.66 20.62
N PHE A 189 2.55 -14.56 20.28
CA PHE A 189 1.55 -15.58 20.61
C PHE A 189 0.34 -15.34 19.72
N TRP A 190 -0.65 -16.23 19.84
CA TRP A 190 -1.84 -16.17 19.00
C TRP A 190 -3.04 -15.67 19.80
N PRO A 191 -3.48 -14.42 19.60
CA PRO A 191 -4.55 -13.87 20.42
C PRO A 191 -5.92 -13.86 19.74
N PHE A 192 -6.10 -14.68 18.70
CA PHE A 192 -7.36 -14.70 17.98
C PHE A 192 -8.18 -15.95 18.23
N GLY A 193 -7.65 -16.93 18.97
CA GLY A 193 -8.44 -18.07 19.36
C GLY A 193 -8.37 -19.22 18.37
N ASN A 194 -9.05 -20.31 18.76
CA ASN A 194 -8.97 -21.57 18.02
C ASN A 194 -9.64 -21.45 16.65
N ALA A 195 -10.82 -20.83 16.60
CA ALA A 195 -11.57 -20.73 15.35
C ALA A 195 -10.70 -20.19 14.23
N LEU A 196 -10.15 -18.99 14.43
CA LEU A 196 -9.31 -18.38 13.41
C LEU A 196 -7.98 -19.11 13.27
N CYS A 197 -7.57 -19.83 14.31
CA CYS A 197 -6.35 -20.62 14.22
C CYS A 197 -6.49 -21.69 13.16
N LYS A 198 -7.54 -22.50 13.26
CA LYS A 198 -7.80 -23.55 12.27
C LYS A 198 -8.10 -22.98 10.89
N THR A 199 -8.81 -21.85 10.84
CA THR A 199 -9.09 -21.20 9.56
C THR A 199 -7.80 -20.86 8.82
N VAL A 200 -6.88 -20.21 9.54
CA VAL A 200 -5.60 -19.79 8.96
C VAL A 200 -4.81 -20.98 8.45
N ILE A 201 -4.62 -21.98 9.32
CA ILE A 201 -3.84 -23.15 8.93
C ILE A 201 -4.44 -23.81 7.68
N ALA A 202 -5.77 -23.95 7.68
CA ALA A 202 -6.45 -24.54 6.53
C ALA A 202 -6.14 -23.78 5.24
N ILE A 203 -6.27 -22.45 5.29
CA ILE A 203 -6.01 -21.64 4.10
C ILE A 203 -4.59 -21.86 3.61
N ASP A 204 -3.63 -21.87 4.53
CA ASP A 204 -2.22 -21.99 4.16
C ASP A 204 -1.98 -23.26 3.35
N TYR A 205 -2.44 -24.40 3.87
CA TYR A 205 -2.24 -25.67 3.15
C TYR A 205 -3.03 -25.68 1.85
N TYR A 206 -4.27 -25.19 1.89
CA TYR A 206 -5.06 -25.08 0.67
C TYR A 206 -4.30 -24.29 -0.40
N ASN A 207 -3.66 -23.21 0.02
CA ASN A 207 -2.86 -22.39 -0.89
C ASN A 207 -1.80 -23.21 -1.61
N MET A 208 -0.95 -23.91 -0.84
CA MET A 208 0.14 -24.67 -1.42
C MET A 208 -0.37 -25.71 -2.41
N PHE A 209 -1.38 -26.48 -2.00
CA PHE A 209 -1.85 -27.58 -2.84
C PHE A 209 -2.59 -27.08 -4.08
N THR A 210 -3.53 -26.14 -3.91
CA THR A 210 -4.24 -25.62 -5.06
C THR A 210 -3.29 -24.94 -6.04
N SER A 211 -2.27 -24.25 -5.52
CA SER A 211 -1.29 -23.60 -6.38
C SER A 211 -0.59 -24.62 -7.27
N THR A 212 0.08 -25.60 -6.65
CA THR A 212 0.85 -26.57 -7.42
C THR A 212 -0.04 -27.36 -8.38
N PHE A 213 -1.21 -27.78 -7.91
CA PHE A 213 -2.11 -28.56 -8.77
C PHE A 213 -2.61 -27.73 -9.95
N THR A 214 -2.92 -26.45 -9.70
CA THR A 214 -3.36 -25.59 -10.80
C THR A 214 -2.25 -25.37 -11.81
N LEU A 215 -1.02 -25.14 -11.33
CA LEU A 215 0.11 -24.98 -12.24
C LEU A 215 0.30 -26.23 -13.09
N THR A 216 0.20 -27.41 -12.48
CA THR A 216 0.29 -28.66 -13.24
C THR A 216 -0.78 -28.72 -14.31
N ALA A 217 -2.01 -28.37 -13.96
CA ALA A 217 -3.10 -28.39 -14.93
C ALA A 217 -2.80 -27.46 -16.10
N MET A 218 -2.29 -26.26 -15.81
CA MET A 218 -1.94 -25.32 -16.87
C MET A 218 -0.88 -25.92 -17.78
N SER A 219 0.09 -26.64 -17.21
CA SER A 219 1.17 -27.20 -18.00
C SER A 219 0.66 -28.30 -18.92
N VAL A 220 -0.24 -29.14 -18.42
CA VAL A 220 -0.84 -30.18 -19.26
C VAL A 220 -1.66 -29.55 -20.37
N ASP A 221 -2.41 -28.48 -20.06
CA ASP A 221 -3.16 -27.77 -21.08
C ASP A 221 -2.25 -27.26 -22.20
N ARG A 222 -1.12 -26.65 -21.83
CA ARG A 222 -0.16 -26.18 -22.82
C ARG A 222 0.32 -27.33 -23.70
N TYR A 223 0.67 -28.45 -23.07
CA TYR A 223 1.17 -29.60 -23.83
C TYR A 223 0.13 -30.09 -24.82
N VAL A 224 -1.14 -30.17 -24.40
CA VAL A 224 -2.21 -30.58 -25.31
C VAL A 224 -2.33 -29.59 -26.46
N ALA A 225 -2.22 -28.30 -26.16
CA ALA A 225 -2.32 -27.29 -27.21
C ALA A 225 -1.24 -27.48 -28.26
N ILE A 226 -0.05 -27.90 -27.85
CA ILE A 226 1.04 -28.12 -28.80
C ILE A 226 0.82 -29.43 -29.55
N CYS A 227 0.43 -30.49 -28.83
CA CYS A 227 0.30 -31.79 -29.48
C CYS A 227 -0.89 -31.85 -30.42
N HIS A 228 -2.03 -31.26 -30.03
CA HIS A 228 -3.26 -31.29 -30.82
C HIS A 228 -3.64 -29.86 -31.20
N PRO A 229 -2.88 -29.25 -32.13
CA PRO A 229 -3.13 -27.82 -32.43
C PRO A 229 -4.38 -27.57 -33.23
N ILE A 230 -4.74 -28.50 -34.13
CA ILE A 230 -5.92 -28.41 -35.00
C ILE A 230 -7.13 -27.91 -34.20
N VAL A 235 -9.27 -29.12 -28.42
CA VAL A 235 -10.62 -28.77 -27.99
C VAL A 235 -10.61 -28.47 -26.49
N ARG A 236 -10.12 -27.30 -26.14
CA ARG A 236 -10.03 -26.85 -24.75
C ARG A 236 -11.02 -25.73 -24.53
N THR A 237 -11.86 -25.87 -23.51
CA THR A 237 -12.92 -24.91 -23.24
C THR A 237 -12.92 -24.53 -21.76
N SER A 238 -13.42 -23.33 -21.48
CA SER A 238 -13.45 -22.82 -20.11
C SER A 238 -14.25 -23.73 -19.19
N SER A 239 -15.28 -24.39 -19.72
CA SER A 239 -16.10 -25.25 -18.88
C SER A 239 -15.30 -26.43 -18.33
N LYS A 240 -14.46 -27.02 -19.17
CA LYS A 240 -13.62 -28.13 -18.72
C LYS A 240 -12.60 -27.66 -17.70
N ALA A 241 -11.98 -26.50 -17.94
CA ALA A 241 -11.02 -25.96 -16.99
C ALA A 241 -11.69 -25.63 -15.67
N GLN A 242 -12.93 -25.12 -15.72
CA GLN A 242 -13.69 -24.90 -14.50
C GLN A 242 -13.87 -26.20 -13.73
N ALA A 243 -14.22 -27.27 -14.44
CA ALA A 243 -14.33 -28.59 -13.81
C ALA A 243 -13.01 -29.01 -13.15
N VAL A 244 -11.90 -28.76 -13.84
CA VAL A 244 -10.59 -29.11 -13.29
C VAL A 244 -10.35 -28.36 -11.98
N ASN A 245 -10.63 -27.05 -11.98
CA ASN A 245 -10.50 -26.27 -10.76
C ASN A 245 -11.26 -26.91 -9.60
N VAL A 246 -12.48 -27.38 -9.88
CA VAL A 246 -13.26 -28.09 -8.87
C VAL A 246 -12.49 -29.28 -8.32
N ALA A 247 -12.01 -30.15 -9.22
CA ALA A 247 -11.26 -31.32 -8.80
C ALA A 247 -10.03 -30.93 -7.99
N ILE A 248 -9.40 -29.81 -8.36
CA ILE A 248 -8.22 -29.33 -7.66
C ILE A 248 -8.55 -29.03 -6.20
N TRP A 249 -9.66 -28.31 -5.98
CA TRP A 249 -10.04 -27.98 -4.61
C TRP A 249 -10.48 -29.21 -3.83
N ALA A 250 -10.97 -30.25 -4.53
CA ALA A 250 -11.38 -31.46 -3.85
C ALA A 250 -10.17 -32.21 -3.28
N LEU A 251 -9.15 -32.43 -4.12
CA LEU A 251 -7.91 -33.04 -3.65
C LEU A 251 -7.26 -32.20 -2.56
N ALA A 252 -7.16 -30.89 -2.79
CA ALA A 252 -6.66 -29.98 -1.76
C ALA A 252 -7.38 -30.23 -0.44
N SER A 253 -8.70 -30.41 -0.50
CA SER A 253 -9.47 -30.67 0.70
C SER A 253 -9.00 -31.93 1.42
N VAL A 254 -8.54 -32.93 0.67
CA VAL A 254 -8.03 -34.16 1.27
C VAL A 254 -6.96 -33.87 2.32
N VAL A 255 -6.22 -32.77 2.15
CA VAL A 255 -5.23 -32.39 3.15
C VAL A 255 -5.71 -31.18 3.95
N GLY A 256 -6.50 -30.30 3.32
CA GLY A 256 -6.88 -29.07 3.98
C GLY A 256 -7.78 -29.27 5.19
N VAL A 257 -8.78 -30.14 5.05
CA VAL A 257 -9.75 -30.40 6.10
C VAL A 257 -9.11 -31.14 7.28
N PRO A 258 -8.36 -32.24 7.05
CA PRO A 258 -7.77 -32.94 8.21
C PRO A 258 -6.86 -32.04 9.03
N VAL A 259 -6.05 -31.22 8.36
CA VAL A 259 -5.14 -30.32 9.07
C VAL A 259 -5.92 -29.32 9.92
N ALA A 260 -7.05 -28.84 9.40
CA ALA A 260 -7.90 -27.93 10.17
C ALA A 260 -8.37 -28.60 11.46
N ILE A 261 -8.76 -29.86 11.38
CA ILE A 261 -9.13 -30.61 12.58
C ILE A 261 -7.93 -30.76 13.50
N MET A 262 -6.78 -31.09 12.92
CA MET A 262 -5.58 -31.33 13.73
C MET A 262 -5.05 -30.05 14.35
N GLY A 263 -5.11 -28.94 13.61
CA GLY A 263 -4.52 -27.70 14.09
C GLY A 263 -5.33 -27.10 15.24
N SER A 264 -4.62 -26.45 16.16
CA SER A 264 -5.26 -25.87 17.33
C SER A 264 -4.32 -24.85 17.95
N ALA A 265 -4.90 -23.99 18.79
CA ALA A 265 -4.18 -22.97 19.53
C ALA A 265 -4.20 -23.37 21.00
N GLN A 266 -3.06 -23.85 21.51
CA GLN A 266 -2.97 -24.39 22.85
C GLN A 266 -1.77 -23.81 23.59
N VAL A 267 -1.83 -23.90 24.91
CA VAL A 267 -0.80 -23.35 25.78
C VAL A 267 0.11 -24.48 26.26
N GLU A 268 1.01 -24.91 25.39
CA GLU A 268 1.91 -26.01 25.72
C GLU A 268 2.91 -25.60 26.79
N ASP A 269 3.64 -24.51 26.55
CA ASP A 269 4.58 -23.97 27.52
C ASP A 269 4.56 -22.46 27.42
N GLU A 270 4.50 -21.79 28.58
CA GLU A 270 4.61 -20.34 28.67
C GLU A 270 3.51 -19.59 27.96
N GLU A 271 3.29 -19.86 26.67
CA GLU A 271 2.36 -19.07 25.86
C GLU A 271 1.46 -19.97 25.02
N ILE A 272 0.34 -19.37 24.60
CA ILE A 272 -0.58 -19.95 23.62
C ILE A 272 0.05 -19.86 22.24
N GLU A 273 -0.22 -20.83 21.37
CA GLU A 273 0.22 -20.74 19.98
C GLU A 273 -0.62 -21.64 19.09
N CYS A 274 -0.80 -21.19 17.84
CA CYS A 274 -1.42 -21.94 16.75
C CYS A 274 -0.42 -22.89 16.10
N LEU A 275 -0.72 -24.19 16.12
CA LEU A 275 0.16 -25.20 15.58
C LEU A 275 -0.67 -26.40 15.13
N VAL A 276 -0.07 -27.19 14.24
CA VAL A 276 -0.65 -28.46 13.82
C VAL A 276 -0.08 -29.55 14.71
N GLU A 277 -0.97 -30.32 15.36
CA GLU A 277 -0.55 -31.30 16.35
C GLU A 277 -0.18 -32.61 15.68
N ILE A 278 1.06 -33.06 15.88
CA ILE A 278 1.54 -34.33 15.33
C ILE A 278 1.29 -35.46 16.31
N PRO A 279 0.69 -36.56 15.86
CA PRO A 279 0.32 -37.65 16.77
C PRO A 279 1.54 -38.33 17.39
N THR A 280 1.29 -39.01 18.51
CA THR A 280 2.30 -39.77 19.23
C THR A 280 2.45 -41.19 18.68
N PRO A 281 3.69 -41.65 18.45
CA PRO A 281 4.94 -40.90 18.66
C PRO A 281 5.31 -39.95 17.53
N GLN A 282 5.63 -38.70 17.89
CA GLN A 282 6.03 -37.70 16.90
C GLN A 282 7.24 -38.15 16.09
N ASP A 283 8.16 -38.91 16.71
CA ASP A 283 9.38 -39.30 16.02
C ASP A 283 9.09 -40.18 14.81
N TYR A 284 7.95 -40.89 14.83
CA TYR A 284 7.57 -41.69 13.68
C TYR A 284 6.72 -40.87 12.71
N TRP A 285 5.60 -40.34 13.20
CA TRP A 285 4.65 -39.66 12.32
C TRP A 285 5.22 -38.37 11.74
N GLY A 286 6.08 -37.69 12.46
CA GLY A 286 6.69 -36.47 11.97
C GLY A 286 7.33 -36.66 10.63
N PRO A 287 8.27 -37.60 10.54
CA PRO A 287 8.86 -37.92 9.22
C PRO A 287 7.84 -38.40 8.20
N VAL A 288 6.81 -39.13 8.64
CA VAL A 288 5.80 -39.63 7.70
C VAL A 288 5.10 -38.47 7.02
N PHE A 289 4.52 -37.57 7.82
CA PHE A 289 3.81 -36.43 7.24
C PHE A 289 4.77 -35.48 6.53
N ALA A 290 5.99 -35.32 7.06
CA ALA A 290 6.96 -34.44 6.41
C ALA A 290 7.27 -34.91 4.99
N ILE A 291 7.60 -36.19 4.85
CA ILE A 291 7.98 -36.70 3.53
C ILE A 291 6.78 -36.75 2.59
N CYS A 292 5.59 -37.11 3.11
CA CYS A 292 4.43 -37.23 2.25
C CYS A 292 3.99 -35.86 1.74
N ILE A 293 3.88 -34.89 2.64
CA ILE A 293 3.52 -33.54 2.22
C ILE A 293 4.55 -32.98 1.26
N PHE A 294 5.84 -33.26 1.50
CA PHE A 294 6.88 -32.80 0.60
C PHE A 294 6.70 -33.37 -0.80
N LEU A 295 6.49 -34.68 -0.90
CA LEU A 295 6.38 -35.31 -2.21
C LEU A 295 5.14 -34.86 -2.95
N PHE A 296 3.99 -34.91 -2.28
CA PHE A 296 2.70 -34.78 -2.95
C PHE A 296 2.21 -33.35 -3.10
N SER A 297 2.66 -32.43 -2.25
CA SER A 297 2.36 -31.02 -2.45
C SER A 297 3.41 -30.31 -3.31
N PHE A 298 4.52 -30.97 -3.62
CA PHE A 298 5.62 -30.27 -4.31
C PHE A 298 6.30 -31.10 -5.39
N ILE A 299 7.02 -32.15 -4.99
CA ILE A 299 7.94 -32.83 -5.92
C ILE A 299 7.16 -33.43 -7.09
N VAL A 300 6.08 -34.14 -6.81
CA VAL A 300 5.34 -34.85 -7.86
C VAL A 300 4.70 -33.86 -8.83
N PRO A 301 4.00 -32.81 -8.37
CA PRO A 301 3.45 -31.85 -9.34
C PRO A 301 4.51 -31.22 -10.23
N VAL A 302 5.58 -30.70 -9.63
CA VAL A 302 6.69 -30.14 -10.40
C VAL A 302 7.24 -31.18 -11.37
N LEU A 303 7.32 -32.44 -10.92
CA LEU A 303 7.85 -33.50 -11.77
C LEU A 303 7.02 -33.67 -13.04
N VAL A 304 5.71 -33.77 -12.89
CA VAL A 304 4.81 -33.86 -14.04
C VAL A 304 5.04 -32.69 -14.98
N ILE A 305 5.11 -31.49 -14.42
CA ILE A 305 5.34 -30.28 -15.22
C ILE A 305 6.59 -30.43 -16.07
N SER A 306 7.67 -30.89 -15.44
CA SER A 306 8.93 -31.12 -16.16
C SER A 306 8.71 -32.05 -17.35
N VAL A 307 7.98 -33.15 -17.12
CA VAL A 307 7.70 -34.09 -18.21
C VAL A 307 6.96 -33.40 -19.35
N CYS A 308 5.98 -32.56 -19.01
CA CYS A 308 5.20 -31.87 -20.04
C CYS A 308 6.10 -31.02 -20.93
N TYR A 309 6.92 -30.16 -20.32
CA TYR A 309 7.74 -29.25 -21.10
C TYR A 309 8.84 -29.99 -21.86
N SER A 310 9.39 -31.06 -21.28
CA SER A 310 10.38 -31.85 -21.99
C SER A 310 9.78 -32.52 -23.21
N LEU A 311 8.57 -33.08 -23.07
CA LEU A 311 7.90 -33.67 -24.22
C LEU A 311 7.59 -32.62 -25.27
N MET A 312 7.21 -31.41 -24.84
CA MET A 312 6.97 -30.32 -25.78
C MET A 312 8.24 -30.00 -26.57
N ILE A 313 9.40 -30.10 -25.92
CA ILE A 313 10.67 -29.88 -26.62
C ILE A 313 10.85 -30.91 -27.72
N ARG A 314 10.69 -32.19 -27.38
CA ARG A 314 10.88 -33.25 -28.36
C ARG A 314 9.95 -33.07 -29.55
N ARG A 315 8.70 -32.70 -29.27
CA ARG A 315 7.73 -32.55 -30.35
C ARG A 315 8.05 -31.30 -31.17
N LEU A 316 8.41 -30.22 -30.49
CA LEU A 316 8.62 -28.93 -31.15
C LEU A 316 9.83 -28.93 -32.06
N ARG A 317 10.84 -29.74 -31.75
CA ARG A 317 12.12 -29.65 -32.46
C ARG A 317 11.93 -29.89 -33.95
N GLY A 318 12.56 -29.03 -34.76
CA GLY A 318 12.46 -29.12 -36.20
C GLY A 318 11.21 -28.54 -36.80
N VAL A 319 10.42 -27.79 -36.02
CA VAL A 319 9.15 -27.25 -36.48
C VAL A 319 9.23 -25.73 -36.42
N ARG A 320 9.03 -25.08 -37.55
CA ARG A 320 8.97 -23.63 -37.65
C ARG A 320 7.68 -23.26 -38.38
N LEU A 321 6.87 -22.41 -37.75
CA LEU A 321 5.55 -22.05 -38.28
C LEU A 321 4.75 -23.30 -38.66
N LEU A 322 4.92 -24.35 -37.86
CA LEU A 322 4.36 -25.65 -38.13
C LEU A 322 3.18 -25.92 -37.20
N SER A 323 2.25 -26.74 -37.67
CA SER A 323 1.06 -27.14 -36.93
C SER A 323 0.15 -25.97 -36.60
N GLY A 324 0.16 -24.92 -37.43
CA GLY A 324 -0.76 -23.84 -37.13
C GLY A 324 -0.74 -22.79 -38.22
N SER A 325 -1.70 -21.87 -38.12
CA SER A 325 -1.65 -20.61 -38.84
C SER A 325 -0.60 -19.71 -38.19
N ARG A 326 -0.08 -18.76 -38.99
CA ARG A 326 1.03 -17.93 -38.52
C ARG A 326 0.69 -17.18 -37.25
N GLU A 327 -0.41 -16.42 -37.28
CA GLU A 327 -0.76 -15.57 -36.15
C GLU A 327 -0.93 -16.38 -34.88
N LYS A 328 -1.59 -17.55 -35.00
CA LYS A 328 -1.91 -18.36 -33.82
C LYS A 328 -0.66 -18.92 -33.16
N ASP A 329 0.26 -19.47 -33.97
CA ASP A 329 1.51 -19.99 -33.45
C ASP A 329 2.20 -18.99 -32.51
N ARG A 330 2.23 -17.71 -32.91
CA ARG A 330 2.86 -16.71 -32.06
C ARG A 330 2.12 -16.59 -30.73
N ASN A 331 0.79 -16.55 -30.75
CA ASN A 331 0.03 -16.47 -29.51
C ASN A 331 0.31 -17.67 -28.61
N LEU A 332 0.34 -18.87 -29.20
CA LEU A 332 0.61 -20.07 -28.40
C LEU A 332 1.96 -19.97 -27.70
N ARG A 333 2.99 -19.52 -28.41
CA ARG A 333 4.31 -19.38 -27.81
C ARG A 333 4.28 -18.41 -26.63
N ARG A 334 3.51 -17.32 -26.76
CA ARG A 334 3.41 -16.35 -25.68
C ARG A 334 2.79 -16.96 -24.43
N ILE A 335 1.70 -17.71 -24.60
CA ILE A 335 1.04 -18.30 -23.44
C ILE A 335 1.94 -19.35 -22.78
N THR A 336 2.58 -20.20 -23.59
CA THR A 336 3.50 -21.19 -23.05
C THR A 336 4.59 -20.54 -22.22
N ARG A 337 5.16 -19.44 -22.73
CA ARG A 337 6.17 -18.69 -21.99
C ARG A 337 5.60 -18.22 -20.66
N LEU A 338 4.37 -17.68 -20.67
CA LEU A 338 3.75 -17.18 -19.45
C LEU A 338 3.64 -18.26 -18.38
N VAL A 339 3.06 -19.40 -18.75
CA VAL A 339 2.90 -20.50 -17.79
C VAL A 339 4.26 -20.90 -17.22
N LEU A 340 5.27 -20.99 -18.09
CA LEU A 340 6.60 -21.42 -17.64
C LEU A 340 7.17 -20.46 -16.62
N VAL A 341 7.03 -19.16 -16.86
CA VAL A 341 7.59 -18.17 -15.94
C VAL A 341 6.87 -18.22 -14.60
N VAL A 342 5.54 -18.35 -14.62
CA VAL A 342 4.78 -18.42 -13.37
C VAL A 342 5.25 -19.61 -12.52
N VAL A 343 5.42 -20.77 -13.17
CA VAL A 343 5.95 -21.93 -12.46
C VAL A 343 7.30 -21.62 -11.85
N ALA A 344 8.21 -21.07 -12.66
CA ALA A 344 9.57 -20.79 -12.19
C ALA A 344 9.54 -19.88 -10.96
N VAL A 345 8.77 -18.80 -11.03
CA VAL A 345 8.69 -17.87 -9.90
C VAL A 345 8.16 -18.57 -8.66
N PHE A 346 7.13 -19.41 -8.83
CA PHE A 346 6.55 -20.11 -7.69
C PHE A 346 7.56 -21.05 -7.04
N VAL A 347 8.15 -21.94 -7.83
CA VAL A 347 9.13 -22.89 -7.31
C VAL A 347 10.25 -22.13 -6.60
N GLY A 348 10.71 -21.03 -7.21
CA GLY A 348 11.79 -20.27 -6.61
C GLY A 348 11.40 -19.65 -5.28
N CYS A 349 10.13 -19.30 -5.11
CA CYS A 349 9.70 -18.67 -3.88
C CYS A 349 9.47 -19.69 -2.75
N TRP A 350 9.08 -20.92 -3.08
CA TRP A 350 8.64 -21.86 -2.05
C TRP A 350 9.60 -23.01 -1.80
N THR A 351 10.65 -23.18 -2.62
CA THR A 351 11.61 -24.27 -2.36
C THR A 351 12.35 -24.11 -1.04
N PRO A 352 12.89 -22.94 -0.67
CA PRO A 352 13.53 -22.84 0.65
C PRO A 352 12.63 -23.27 1.80
N VAL A 353 11.40 -22.78 1.82
CA VAL A 353 10.45 -23.15 2.86
C VAL A 353 10.21 -24.66 2.85
N GLN A 354 10.01 -25.23 1.65
CA GLN A 354 9.70 -26.64 1.54
C GLN A 354 10.80 -27.49 2.16
N VAL A 355 12.06 -27.16 1.87
CA VAL A 355 13.18 -27.90 2.43
C VAL A 355 13.25 -27.71 3.93
N PHE A 356 13.12 -26.46 4.40
CA PHE A 356 13.21 -26.19 5.84
C PHE A 356 12.11 -26.91 6.60
N VAL A 357 10.88 -26.85 6.10
CA VAL A 357 9.76 -27.49 6.78
C VAL A 357 9.95 -29.00 6.78
N LEU A 358 10.45 -29.55 5.68
CA LEU A 358 10.82 -30.96 5.63
C LEU A 358 11.82 -31.29 6.73
N ALA A 359 12.87 -30.47 6.87
CA ALA A 359 13.87 -30.69 7.89
C ALA A 359 13.27 -30.59 9.29
N GLN A 360 12.36 -29.64 9.49
CA GLN A 360 11.69 -29.51 10.78
C GLN A 360 10.87 -30.76 11.11
N GLY A 361 10.27 -31.40 10.10
CA GLY A 361 9.58 -32.64 10.35
C GLY A 361 10.48 -33.75 10.83
N LEU A 362 11.74 -33.75 10.37
CA LEU A 362 12.71 -34.76 10.75
C LEU A 362 13.34 -34.51 12.12
N GLY A 363 12.96 -33.43 12.80
CA GLY A 363 13.52 -33.07 14.08
C GLY A 363 14.51 -31.93 14.05
N VAL A 364 15.01 -31.57 12.88
CA VAL A 364 16.01 -30.50 12.76
C VAL A 364 15.33 -29.18 13.13
N GLN A 365 15.70 -28.63 14.29
CA GLN A 365 15.04 -27.44 14.82
C GLN A 365 15.99 -26.26 14.92
N PRO A 366 15.56 -25.07 14.50
CA PRO A 366 16.42 -23.89 14.64
C PRO A 366 16.46 -23.39 16.07
N SER A 367 17.67 -23.04 16.54
CA SER A 367 17.84 -22.63 17.92
C SER A 367 18.77 -21.41 18.05
N SER A 368 18.79 -20.55 17.04
CA SER A 368 19.61 -19.34 17.09
C SER A 368 18.84 -18.20 16.44
N GLU A 369 19.20 -16.97 16.81
CA GLU A 369 18.55 -15.79 16.25
C GLU A 369 18.65 -15.76 14.74
N THR A 370 19.83 -16.07 14.20
CA THR A 370 20.02 -16.08 12.75
C THR A 370 19.12 -17.12 12.09
N ALA A 371 19.11 -18.34 12.64
CA ALA A 371 18.29 -19.40 12.07
C ALA A 371 16.82 -19.00 12.01
N VAL A 372 16.29 -18.49 13.12
CA VAL A 372 14.89 -18.02 13.16
C VAL A 372 14.68 -16.95 12.09
N ALA A 373 15.60 -15.99 12.01
CA ALA A 373 15.44 -14.88 11.07
C ALA A 373 15.39 -15.40 9.64
N ILE A 374 16.33 -16.27 9.26
CA ILE A 374 16.34 -16.86 7.93
C ILE A 374 14.99 -17.51 7.62
N LEU A 375 14.49 -18.30 8.59
CA LEU A 375 13.21 -18.98 8.41
C LEU A 375 12.08 -17.98 8.20
N ARG A 376 12.02 -16.96 9.05
CA ARG A 376 10.97 -15.94 8.93
C ARG A 376 10.98 -15.29 7.56
N PHE A 377 12.17 -15.02 7.03
CA PHE A 377 12.28 -14.31 5.76
C PHE A 377 11.95 -15.21 4.57
N CYS A 378 12.25 -16.51 4.68
CA CYS A 378 11.91 -17.43 3.60
C CYS A 378 10.41 -17.67 3.53
N THR A 379 9.78 -17.84 4.70
CA THR A 379 8.32 -17.87 4.76
C THR A 379 7.72 -16.62 4.13
N ALA A 380 8.23 -15.45 4.51
CA ALA A 380 7.80 -14.20 3.89
C ALA A 380 7.95 -14.26 2.37
N LEU A 381 9.10 -14.77 1.90
CA LEU A 381 9.38 -14.86 0.47
C LEU A 381 8.26 -15.55 -0.29
N GLY A 382 7.79 -16.69 0.24
CA GLY A 382 6.68 -17.39 -0.39
C GLY A 382 5.42 -16.55 -0.44
N TYR A 383 5.13 -15.81 0.64
CA TYR A 383 3.96 -14.95 0.66
C TYR A 383 4.10 -13.83 -0.37
N VAL A 384 5.33 -13.34 -0.56
CA VAL A 384 5.60 -12.40 -1.64
C VAL A 384 5.19 -12.98 -2.99
N ASN A 385 5.31 -14.30 -3.16
CA ASN A 385 4.87 -14.91 -4.40
C ASN A 385 3.39 -14.64 -4.65
N SER A 386 2.60 -14.58 -3.56
CA SER A 386 1.17 -14.33 -3.71
C SER A 386 0.92 -13.03 -4.46
N CYS A 387 1.66 -11.98 -4.12
CA CYS A 387 1.42 -10.69 -4.74
C CYS A 387 2.15 -10.54 -6.07
N LEU A 388 3.20 -11.33 -6.29
CA LEU A 388 3.97 -11.24 -7.53
C LEU A 388 3.14 -11.61 -8.76
N ASN A 389 2.17 -12.51 -8.58
CA ASN A 389 1.49 -13.10 -9.74
C ASN A 389 0.84 -12.07 -10.68
N PRO A 390 0.11 -11.04 -10.21
CA PRO A 390 -0.53 -10.12 -11.17
C PRO A 390 0.47 -9.31 -11.98
N ILE A 391 1.65 -9.02 -11.45
CA ILE A 391 2.65 -8.26 -12.21
C ILE A 391 3.15 -9.09 -13.38
N LEU A 392 3.38 -10.39 -13.16
CA LEU A 392 3.83 -11.25 -14.25
C LEU A 392 2.82 -11.28 -15.38
N TYR A 393 1.52 -11.38 -15.04
CA TYR A 393 0.49 -11.30 -16.06
C TYR A 393 0.52 -9.95 -16.77
N ALA A 394 0.80 -8.88 -16.03
CA ALA A 394 0.80 -7.55 -16.61
C ALA A 394 1.93 -7.36 -17.62
N PHE A 395 3.06 -8.04 -17.41
CA PHE A 395 4.21 -7.85 -18.27
C PHE A 395 4.32 -8.89 -19.38
N LEU A 396 3.78 -10.10 -19.19
CA LEU A 396 3.96 -11.16 -20.16
C LEU A 396 2.68 -11.58 -20.85
N ASP A 397 1.56 -10.92 -20.60
CA ASP A 397 0.29 -11.25 -21.23
C ASP A 397 -0.28 -9.99 -21.86
N GLU A 398 -0.50 -10.03 -23.18
CA GLU A 398 -0.91 -8.85 -23.92
C GLU A 398 -2.29 -8.37 -23.46
N ASN A 399 -3.24 -9.28 -23.32
CA ASN A 399 -4.60 -8.91 -22.92
C ASN A 399 -4.58 -8.18 -21.59
N PHE A 400 -3.95 -8.79 -20.57
CA PHE A 400 -3.84 -8.17 -19.27
C PHE A 400 -3.10 -6.84 -19.34
N LYS A 401 -1.97 -6.82 -20.07
CA LYS A 401 -1.21 -5.58 -20.24
C LYS A 401 -2.10 -4.46 -20.75
N ALA A 402 -2.96 -4.76 -21.72
CA ALA A 402 -3.90 -3.77 -22.20
C ALA A 402 -4.88 -3.36 -21.10
N CYS A 403 -5.27 -4.31 -20.24
CA CYS A 403 -6.37 -4.05 -19.32
C CYS A 403 -5.97 -3.16 -18.15
N PHE A 404 -4.72 -3.24 -17.70
CA PHE A 404 -4.32 -2.41 -16.55
C PHE A 404 -4.51 -0.94 -16.88
N ARG A 405 -3.74 -0.42 -17.83
CA ARG A 405 -3.82 0.98 -18.25
C ARG A 405 -3.12 1.15 -19.60
N LEU B 13 1.81 27.35 -21.31
CA LEU B 13 2.64 26.33 -21.91
C LEU B 13 1.86 25.04 -22.14
N GLU B 14 1.00 24.69 -21.17
CA GLU B 14 0.10 23.55 -21.37
C GLU B 14 -0.72 23.72 -22.64
N ASP B 15 -1.16 24.96 -22.92
CA ASP B 15 -1.88 25.24 -24.16
C ASP B 15 -1.03 24.88 -25.38
N ASN B 16 0.17 25.45 -25.47
CA ASN B 16 1.04 25.17 -26.61
C ASN B 16 1.35 23.67 -26.70
N TRP B 17 1.50 23.01 -25.56
CA TRP B 17 1.73 21.56 -25.55
C TRP B 17 0.63 20.83 -26.31
N GLU B 18 -0.63 21.18 -26.04
CA GLU B 18 -1.75 20.51 -26.71
C GLU B 18 -1.83 20.92 -28.17
N THR B 19 -1.51 22.18 -28.48
CA THR B 19 -1.44 22.61 -29.87
C THR B 19 -0.49 21.72 -30.65
N LEU B 20 0.67 21.42 -30.07
CA LEU B 20 1.66 20.56 -30.72
C LEU B 20 1.13 19.15 -30.90
N ASN B 21 0.56 18.58 -29.84
CA ASN B 21 0.06 17.21 -29.90
C ASN B 21 -0.97 17.05 -31.01
N ASP B 22 -1.94 17.97 -31.06
CA ASP B 22 -3.01 17.84 -32.04
C ASP B 22 -2.50 17.99 -33.46
N ASN B 23 -1.55 18.90 -33.69
CA ASN B 23 -0.97 19.06 -35.02
C ASN B 23 -0.21 17.81 -35.44
N LEU B 24 0.57 17.23 -34.53
CA LEU B 24 1.27 15.97 -34.81
C LEU B 24 0.28 14.88 -35.22
N LYS B 25 -0.81 14.73 -34.46
CA LYS B 25 -1.84 13.75 -34.81
C LYS B 25 -2.38 14.01 -36.21
N VAL B 26 -2.65 15.28 -36.53
CA VAL B 26 -3.13 15.64 -37.87
C VAL B 26 -2.16 15.13 -38.94
N ILE B 27 -0.85 15.33 -38.71
CA ILE B 27 0.16 14.96 -39.68
C ILE B 27 0.00 13.51 -40.10
N GLU B 28 0.21 12.59 -39.15
CA GLU B 28 0.10 11.17 -39.46
C GLU B 28 -1.29 10.81 -39.99
N LYS B 29 -2.31 11.57 -39.61
CA LYS B 29 -3.65 11.24 -40.07
C LYS B 29 -3.89 11.72 -41.50
N ALA B 30 -3.14 12.73 -41.95
CA ALA B 30 -3.52 13.47 -43.14
C ALA B 30 -3.44 12.60 -44.39
N ASP B 31 -4.25 12.97 -45.38
CA ASP B 31 -4.23 12.35 -46.69
C ASP B 31 -3.84 13.32 -47.79
N ASN B 32 -3.27 14.48 -47.44
CA ASN B 32 -2.94 15.52 -48.39
C ASN B 32 -1.68 16.23 -47.95
N ALA B 33 -0.83 16.59 -48.92
CA ALA B 33 0.43 17.26 -48.59
C ALA B 33 0.18 18.63 -47.96
N ALA B 34 -0.91 19.29 -48.32
CA ALA B 34 -1.21 20.61 -47.75
C ALA B 34 -1.49 20.51 -46.26
N GLN B 35 -2.25 19.48 -45.85
CA GLN B 35 -2.53 19.28 -44.43
C GLN B 35 -1.25 19.00 -43.65
N VAL B 36 -0.27 18.35 -44.28
CA VAL B 36 0.98 18.04 -43.61
C VAL B 36 1.83 19.29 -43.45
N LYS B 37 2.03 20.02 -44.55
CA LYS B 37 2.82 21.26 -44.49
C LYS B 37 2.21 22.25 -43.52
N ASP B 38 0.87 22.36 -43.52
CA ASP B 38 0.18 23.26 -42.61
C ASP B 38 0.34 22.82 -41.16
N ALA B 39 0.09 21.52 -40.88
CA ALA B 39 0.22 21.03 -39.52
C ALA B 39 1.64 21.21 -38.99
N LEU B 40 2.64 20.93 -39.83
CA LEU B 40 4.03 21.12 -39.45
C LEU B 40 4.32 22.59 -39.15
N THR B 41 3.71 23.49 -39.92
CA THR B 41 3.88 24.93 -39.68
C THR B 41 3.36 25.32 -38.30
N LYS B 42 2.08 25.04 -38.04
CA LYS B 42 1.49 25.37 -36.74
C LYS B 42 2.25 24.70 -35.60
N MET B 43 2.67 23.44 -35.81
CA MET B 43 3.46 22.74 -34.80
C MET B 43 4.77 23.46 -34.51
N ARG B 44 5.45 23.95 -35.55
CA ARG B 44 6.70 24.67 -35.37
C ARG B 44 6.49 25.93 -34.54
N ALA B 45 5.55 26.77 -34.96
CA ALA B 45 5.26 28.00 -34.22
C ALA B 45 4.92 27.71 -32.76
N ALA B 46 4.22 26.60 -32.52
CA ALA B 46 3.90 26.23 -31.15
C ALA B 46 5.17 25.91 -30.37
N ALA B 47 6.09 25.18 -30.98
CA ALA B 47 7.33 24.82 -30.30
C ALA B 47 8.14 26.06 -29.94
N LEU B 48 8.09 27.10 -30.77
CA LEU B 48 8.80 28.33 -30.47
C LEU B 48 8.11 29.13 -29.37
N ASP B 49 6.78 29.22 -29.42
CA ASP B 49 6.04 29.92 -28.37
C ASP B 49 6.06 29.17 -27.04
N ALA B 50 6.37 27.88 -27.04
CA ALA B 50 6.56 27.13 -25.80
C ALA B 50 8.01 27.10 -25.32
N GLN B 51 8.97 27.35 -26.21
CA GLN B 51 10.37 27.46 -25.80
C GLN B 51 10.59 28.67 -24.91
N LYS B 52 9.84 29.75 -25.12
CA LYS B 52 10.02 30.96 -24.33
C LYS B 52 9.32 30.86 -22.98
N ALA B 53 8.24 30.07 -22.88
CA ALA B 53 7.47 29.95 -21.65
C ALA B 53 8.27 29.29 -20.55
N THR B 54 7.68 29.17 -19.35
CA THR B 54 8.38 28.60 -18.20
C THR B 54 7.52 27.51 -17.57
N PRO B 55 8.07 26.32 -17.33
CA PRO B 55 7.30 25.29 -16.64
C PRO B 55 7.07 25.66 -15.20
N PRO B 56 6.00 25.17 -14.57
CA PRO B 56 5.75 25.53 -13.17
C PRO B 56 6.79 24.94 -12.23
N LYS B 57 7.24 23.71 -12.50
CA LYS B 57 8.16 23.00 -11.62
C LYS B 57 9.45 23.78 -11.39
N LEU B 58 9.86 24.59 -12.35
CA LEU B 58 11.07 25.39 -12.23
C LEU B 58 10.77 26.86 -12.01
N GLU B 59 9.51 27.23 -11.78
CA GLU B 59 9.14 28.63 -11.56
C GLU B 59 10.09 29.35 -10.60
N ASP B 60 10.67 28.63 -9.64
CA ASP B 60 11.63 29.16 -8.67
C ASP B 60 13.06 29.22 -9.19
N LYS B 61 13.29 28.99 -10.48
CA LYS B 61 14.63 28.91 -11.02
C LYS B 61 14.89 30.06 -11.99
N SER B 62 16.18 30.33 -12.20
CA SER B 62 16.62 31.42 -13.05
C SER B 62 16.48 31.03 -14.52
N PRO B 63 16.31 32.02 -15.42
CA PRO B 63 16.16 31.70 -16.85
C PRO B 63 17.40 31.08 -17.49
N ASP B 64 18.52 31.01 -16.78
CA ASP B 64 19.73 30.40 -17.32
C ASP B 64 20.23 29.24 -16.47
N SER B 65 19.44 28.79 -15.50
CA SER B 65 19.82 27.65 -14.69
C SER B 65 19.85 26.39 -15.56
N PRO B 66 20.70 25.41 -15.22
CA PRO B 66 20.83 24.21 -16.07
C PRO B 66 19.52 23.54 -16.41
N GLU B 67 18.66 23.33 -15.41
CA GLU B 67 17.35 22.72 -15.64
C GLU B 67 16.56 23.51 -16.67
N MET B 68 16.54 24.84 -16.52
CA MET B 68 15.79 25.71 -17.42
C MET B 68 16.40 25.71 -18.81
N LYS B 69 17.72 25.92 -18.90
CA LYS B 69 18.37 26.01 -20.19
C LYS B 69 18.21 24.73 -20.99
N ASP B 70 18.26 23.58 -20.31
CA ASP B 70 18.12 22.31 -21.00
C ASP B 70 16.68 22.07 -21.43
N PHE B 71 15.72 22.69 -20.73
CA PHE B 71 14.34 22.74 -21.20
C PHE B 71 14.23 23.41 -22.56
N ARG B 72 14.76 24.64 -22.65
CA ARG B 72 14.75 25.36 -23.92
C ARG B 72 15.56 24.63 -24.98
N HIS B 73 16.59 23.87 -24.57
CA HIS B 73 17.35 23.06 -25.51
C HIS B 73 16.48 21.98 -26.13
N GLY B 74 15.68 21.29 -25.30
CA GLY B 74 14.76 20.30 -25.83
C GLY B 74 13.88 20.87 -26.93
N PHE B 75 13.45 22.12 -26.78
CA PHE B 75 12.67 22.75 -27.83
C PHE B 75 13.52 23.08 -29.05
N ASP B 76 14.82 23.34 -28.87
CA ASP B 76 15.68 23.58 -30.03
C ASP B 76 15.77 22.33 -30.91
N ILE B 77 16.15 21.20 -30.32
CA ILE B 77 16.29 19.98 -31.11
C ILE B 77 14.97 19.62 -31.79
N LEU B 78 13.86 19.80 -31.07
CA LEU B 78 12.54 19.54 -31.64
C LEU B 78 12.29 20.41 -32.88
N VAL B 79 12.45 21.73 -32.71
CA VAL B 79 12.21 22.66 -33.81
C VAL B 79 13.06 22.30 -35.03
N GLY B 80 14.32 21.96 -34.79
CA GLY B 80 15.19 21.57 -35.91
C GLY B 80 14.61 20.43 -36.72
N GLN B 81 14.07 19.42 -36.03
CA GLN B 81 13.47 18.28 -36.73
C GLN B 81 12.21 18.70 -37.48
N ILE B 82 11.47 19.67 -36.96
CA ILE B 82 10.30 20.16 -37.68
C ILE B 82 10.73 20.88 -38.96
N ASP B 83 11.79 21.68 -38.88
CA ASP B 83 12.31 22.34 -40.08
C ASP B 83 12.73 21.31 -41.13
N ASP B 84 13.40 20.24 -40.69
CA ASP B 84 13.82 19.19 -41.62
C ASP B 84 12.60 18.55 -42.28
N ALA B 85 11.60 18.17 -41.48
CA ALA B 85 10.38 17.59 -42.03
C ALA B 85 9.76 18.49 -43.08
N LEU B 86 9.83 19.82 -42.86
CA LEU B 86 9.28 20.76 -43.84
C LEU B 86 10.09 20.75 -45.13
N LYS B 87 11.41 20.59 -45.02
CA LYS B 87 12.24 20.51 -46.21
C LYS B 87 11.84 19.31 -47.06
N LEU B 88 11.62 18.16 -46.42
CA LEU B 88 11.11 16.99 -47.13
C LEU B 88 9.78 17.28 -47.80
N ALA B 89 8.89 17.96 -47.09
CA ALA B 89 7.56 18.25 -47.64
C ALA B 89 7.67 19.13 -48.89
N ASN B 90 8.53 20.15 -48.85
CA ASN B 90 8.65 21.05 -49.99
C ASN B 90 9.34 20.37 -51.18
N GLU B 91 10.34 19.53 -50.91
CA GLU B 91 11.02 18.84 -52.00
C GLU B 91 10.10 17.88 -52.75
N GLY B 92 8.89 17.63 -52.26
CA GLY B 92 7.96 16.70 -52.87
C GLY B 92 7.84 15.38 -52.15
N LYS B 93 8.77 15.05 -51.24
CA LYS B 93 8.81 13.77 -50.55
C LYS B 93 7.94 13.85 -49.30
N VAL B 94 6.62 13.81 -49.54
CA VAL B 94 5.67 14.08 -48.47
C VAL B 94 5.58 12.89 -47.53
N LYS B 95 5.69 11.68 -48.04
CA LYS B 95 5.43 10.50 -47.23
C LYS B 95 6.48 10.36 -46.12
N GLU B 96 7.75 10.52 -46.47
CA GLU B 96 8.79 10.41 -45.45
C GLU B 96 8.81 11.61 -44.51
N ALA B 97 8.13 12.70 -44.85
CA ALA B 97 7.85 13.74 -43.86
C ALA B 97 6.91 13.22 -42.78
N GLN B 98 5.91 12.43 -43.17
CA GLN B 98 5.09 11.73 -42.19
C GLN B 98 5.93 10.83 -41.29
N ALA B 99 6.94 10.17 -41.87
CA ALA B 99 7.87 9.38 -41.07
C ALA B 99 8.61 10.24 -40.04
N ALA B 100 9.03 11.45 -40.45
CA ALA B 100 9.63 12.39 -39.51
C ALA B 100 8.72 12.68 -38.32
N ALA B 101 7.41 12.77 -38.56
CA ALA B 101 6.45 13.02 -37.47
C ALA B 101 6.59 11.98 -36.36
N GLU B 102 6.74 10.71 -36.73
CA GLU B 102 7.01 9.67 -35.72
C GLU B 102 8.29 9.96 -34.96
N GLN B 103 9.35 10.39 -35.67
CA GLN B 103 10.58 10.78 -34.99
C GLN B 103 10.31 11.90 -34.00
N LEU B 104 9.47 12.86 -34.39
CA LEU B 104 9.14 13.97 -33.49
C LEU B 104 8.52 13.48 -32.20
N LYS B 105 7.55 12.56 -32.30
CA LYS B 105 6.91 12.01 -31.11
C LYS B 105 7.93 11.48 -30.12
N THR B 106 8.99 10.84 -30.61
CA THR B 106 10.09 10.42 -29.76
C THR B 106 10.69 11.60 -29.01
N THR B 107 11.16 12.60 -29.75
CA THR B 107 11.78 13.77 -29.14
C THR B 107 10.86 14.37 -28.08
N ARG B 108 9.56 14.40 -28.34
CA ARG B 108 8.63 15.03 -27.41
C ARG B 108 8.57 14.26 -26.09
N ASN B 109 8.61 12.93 -26.15
CA ASN B 109 8.50 12.14 -24.93
C ASN B 109 9.79 12.15 -24.13
N ALA B 110 10.93 12.29 -24.80
CA ALA B 110 12.21 12.13 -24.12
C ALA B 110 12.66 13.41 -23.41
N TYR B 111 12.67 14.53 -24.13
CA TYR B 111 13.33 15.72 -23.62
C TYR B 111 12.41 16.68 -22.88
N ILE B 112 11.15 16.81 -23.29
CA ILE B 112 10.27 17.82 -22.73
C ILE B 112 9.20 17.23 -21.82
N GLN B 113 8.96 15.91 -21.88
CA GLN B 113 7.84 15.34 -21.13
C GLN B 113 8.06 15.42 -19.62
N LYS B 114 9.29 15.21 -19.17
CA LYS B 114 9.55 15.21 -17.72
C LYS B 114 9.22 16.57 -17.11
N TYR B 115 9.54 17.66 -17.82
CA TYR B 115 9.29 19.00 -17.30
C TYR B 115 7.79 19.27 -17.15
N LEU B 116 6.95 18.53 -17.86
CA LEU B 116 5.51 18.65 -17.69
C LEU B 116 5.11 18.33 -16.25
N ALA B 118 2.89 16.13 -12.09
CA ALA B 118 4.26 15.75 -12.39
C ALA B 118 4.70 14.63 -11.44
N PHE B 119 6.00 14.46 -11.26
CA PHE B 119 6.51 13.32 -10.53
C PHE B 119 7.55 13.75 -9.51
N LEU B 120 7.66 12.92 -8.47
CA LEU B 120 8.54 12.87 -7.31
C LEU B 120 9.56 11.78 -7.53
N PRO B 121 10.83 12.01 -7.17
CA PRO B 121 11.85 10.97 -7.38
C PRO B 121 11.44 9.65 -6.74
N LEU B 122 11.61 8.58 -7.50
CA LEU B 122 11.11 7.27 -7.08
C LEU B 122 11.69 6.85 -5.73
N GLY B 123 13.00 7.01 -5.56
CA GLY B 123 13.63 6.54 -4.34
C GLY B 123 13.21 7.33 -3.11
N LEU B 124 13.01 8.64 -3.28
CA LEU B 124 12.65 9.48 -2.13
C LEU B 124 11.23 9.18 -1.66
N LYS B 125 10.30 8.91 -2.58
CA LYS B 125 8.96 8.50 -2.16
C LYS B 125 8.95 7.07 -1.63
N VAL B 126 9.89 6.23 -2.07
CA VAL B 126 10.06 4.93 -1.43
C VAL B 126 10.46 5.11 0.03
N THR B 127 11.32 6.08 0.30
CA THR B 127 11.64 6.45 1.68
C THR B 127 10.38 6.81 2.45
N ILE B 128 9.53 7.66 1.84
CA ILE B 128 8.27 8.08 2.48
C ILE B 128 7.43 6.85 2.81
N VAL B 129 7.30 5.93 1.85
CA VAL B 129 6.39 4.80 2.01
C VAL B 129 6.89 3.85 3.10
N GLY B 130 8.17 3.48 3.02
CA GLY B 130 8.76 2.67 4.08
C GLY B 130 8.62 3.31 5.46
N LEU B 131 8.78 4.64 5.51
CA LEU B 131 8.53 5.37 6.74
C LEU B 131 7.10 5.16 7.22
N TYR B 132 6.14 5.24 6.30
CA TYR B 132 4.74 5.02 6.66
C TYR B 132 4.53 3.63 7.22
N LEU B 133 5.06 2.61 6.53
CA LEU B 133 4.89 1.23 6.99
C LEU B 133 5.44 1.04 8.39
N ALA B 134 6.60 1.64 8.68
CA ALA B 134 7.18 1.54 10.02
C ALA B 134 6.28 2.24 11.04
N VAL B 135 5.89 3.49 10.77
CA VAL B 135 4.99 4.21 11.67
C VAL B 135 3.69 3.43 11.87
N CYS B 136 3.23 2.76 10.81
CA CYS B 136 1.95 2.04 10.88
C CYS B 136 2.05 0.86 11.84
N VAL B 137 3.02 -0.03 11.62
CA VAL B 137 3.16 -1.23 12.46
C VAL B 137 3.40 -0.84 13.91
N GLY B 138 4.43 -0.03 14.15
CA GLY B 138 4.77 0.35 15.52
C GLY B 138 3.68 1.16 16.19
N GLY B 139 3.03 2.05 15.45
CA GLY B 139 1.95 2.84 16.01
C GLY B 139 0.78 1.98 16.43
N LEU B 140 0.30 1.12 15.53
CA LEU B 140 -0.81 0.23 15.87
C LEU B 140 -0.48 -0.63 17.06
N LEU B 141 0.73 -1.22 17.07
CA LEU B 141 1.19 -2.00 18.21
C LEU B 141 1.07 -1.21 19.51
N GLY B 142 1.73 -0.06 19.57
CA GLY B 142 1.74 0.76 20.77
C GLY B 142 0.36 1.21 21.23
N ASN B 143 -0.40 1.84 20.33
CA ASN B 143 -1.70 2.38 20.71
C ASN B 143 -2.66 1.28 21.13
N CYS B 144 -2.73 0.20 20.33
CA CYS B 144 -3.61 -0.92 20.70
C CYS B 144 -3.22 -1.50 22.04
N LEU B 145 -1.91 -1.56 22.32
CA LEU B 145 -1.46 -1.99 23.64
C LEU B 145 -1.98 -1.06 24.72
N VAL B 146 -1.86 0.25 24.49
CA VAL B 146 -2.37 1.24 25.46
C VAL B 146 -3.85 1.02 25.71
N MET B 147 -4.63 0.86 24.64
CA MET B 147 -6.07 0.69 24.79
C MET B 147 -6.41 -0.56 25.58
N TYR B 148 -5.71 -1.66 25.28
CA TYR B 148 -5.92 -2.89 26.03
C TYR B 148 -5.62 -2.68 27.52
N VAL B 149 -4.47 -2.06 27.82
CA VAL B 149 -4.02 -1.91 29.20
C VAL B 149 -5.03 -1.12 30.02
N ILE B 150 -5.53 -0.01 29.48
CA ILE B 150 -6.52 0.79 30.21
C ILE B 150 -7.83 0.04 30.32
N LEU B 151 -8.31 -0.49 29.19
CA LEU B 151 -9.70 -0.94 29.09
C LEU B 151 -9.99 -2.08 30.05
N ARG B 152 -9.23 -3.16 29.97
CA ARG B 152 -9.55 -4.37 30.72
C ARG B 152 -8.46 -4.81 31.69
N HIS B 153 -7.20 -4.43 31.46
CA HIS B 153 -6.10 -5.02 32.22
C HIS B 153 -6.21 -4.70 33.70
N THR B 154 -6.63 -3.47 34.04
CA THR B 154 -6.68 -3.06 35.43
C THR B 154 -7.60 -1.86 35.54
N LYS B 155 -8.22 -1.72 36.70
CA LYS B 155 -8.91 -0.48 37.04
C LYS B 155 -7.92 0.66 37.22
N MET B 156 -7.26 1.06 36.13
CA MET B 156 -6.48 2.29 36.08
C MET B 156 -7.21 3.36 35.28
N LYS B 157 -8.55 3.26 35.23
CA LYS B 157 -9.43 4.16 34.50
C LYS B 157 -9.53 5.47 35.27
N THR B 158 -8.46 6.25 35.18
CA THR B 158 -8.44 7.61 35.70
C THR B 158 -8.80 8.57 34.57
N ALA B 159 -9.17 9.79 34.96
CA ALA B 159 -9.62 10.78 33.99
C ALA B 159 -8.59 10.98 32.87
N THR B 160 -7.32 11.19 33.25
CA THR B 160 -6.27 11.38 32.28
C THR B 160 -6.16 10.21 31.32
N ASN B 161 -6.29 8.99 31.84
CA ASN B 161 -6.14 7.80 31.01
C ASN B 161 -7.31 7.60 30.08
N ILE B 162 -8.50 8.06 30.48
CA ILE B 162 -9.65 8.00 29.57
C ILE B 162 -9.41 8.92 28.39
N TYR B 163 -8.83 10.10 28.64
CA TYR B 163 -8.46 11.00 27.56
C TYR B 163 -7.33 10.42 26.71
N ILE B 164 -6.35 9.79 27.36
CA ILE B 164 -5.29 9.10 26.63
C ILE B 164 -5.90 8.03 25.72
N PHE B 165 -6.92 7.32 26.21
CA PHE B 165 -7.61 6.34 25.38
C PHE B 165 -8.21 6.99 24.15
N ASN B 166 -8.82 8.17 24.31
CA ASN B 166 -9.37 8.90 23.17
C ASN B 166 -8.29 9.17 22.12
N LEU B 167 -7.12 9.63 22.58
CA LEU B 167 -6.01 9.87 21.67
C LEU B 167 -5.60 8.59 20.94
N ALA B 168 -5.45 7.49 21.69
CA ALA B 168 -4.98 6.25 21.08
C ALA B 168 -5.99 5.72 20.07
N LEU B 169 -7.29 5.93 20.33
CA LEU B 169 -8.31 5.55 19.36
C LEU B 169 -8.12 6.33 18.06
N ALA B 170 -8.03 7.65 18.16
CA ALA B 170 -7.85 8.49 16.97
C ALA B 170 -6.58 8.10 16.22
N ASP B 171 -5.48 7.92 16.95
CA ASP B 171 -4.24 7.49 16.30
C ASP B 171 -4.42 6.17 15.56
N THR B 172 -5.18 5.25 16.14
CA THR B 172 -5.37 3.94 15.52
C THR B 172 -5.98 4.06 14.13
N LEU B 173 -7.00 4.90 13.99
CA LEU B 173 -7.66 5.05 12.69
C LEU B 173 -6.71 5.62 11.64
N VAL B 174 -5.99 6.70 11.97
CA VAL B 174 -5.08 7.30 10.99
C VAL B 174 -3.95 6.34 10.65
N LEU B 175 -3.56 5.49 11.60
CA LEU B 175 -2.54 4.50 11.33
C LEU B 175 -3.00 3.48 10.29
N LEU B 176 -4.26 3.05 10.40
CA LEU B 176 -4.88 2.19 9.40
C LEU B 176 -4.86 2.87 8.04
N THR B 177 -4.86 4.20 8.03
CA THR B 177 -4.91 4.96 6.80
C THR B 177 -3.59 4.90 6.06
N LEU B 178 -2.48 4.84 6.80
CA LEU B 178 -1.15 5.01 6.22
C LEU B 178 -0.82 4.08 5.06
N PRO B 179 -1.18 2.78 5.06
CA PRO B 179 -0.88 1.97 3.86
C PRO B 179 -1.51 2.51 2.60
N PHE B 180 -2.77 2.96 2.68
CA PHE B 180 -3.46 3.44 1.49
C PHE B 180 -2.80 4.72 0.97
N GLN B 181 -2.58 5.69 1.85
CA GLN B 181 -1.87 6.90 1.45
C GLN B 181 -0.52 6.58 0.84
N GLY B 182 0.16 5.56 1.36
CA GLY B 182 1.46 5.19 0.82
C GLY B 182 1.39 4.73 -0.63
N THR B 183 0.41 3.90 -0.95
CA THR B 183 0.26 3.46 -2.34
C THR B 183 -0.09 4.62 -3.25
N ASP B 184 -0.92 5.55 -2.78
CA ASP B 184 -1.20 6.75 -3.58
C ASP B 184 0.09 7.49 -3.89
N ILE B 185 1.00 7.59 -2.90
CA ILE B 185 2.26 8.28 -3.11
C ILE B 185 3.09 7.57 -4.17
N LEU B 186 3.10 6.24 -4.15
CA LEU B 186 3.85 5.47 -5.14
C LEU B 186 3.25 5.63 -6.53
N LEU B 187 1.99 5.22 -6.69
CA LEU B 187 1.39 5.17 -8.02
C LEU B 187 1.22 6.57 -8.62
N GLY B 188 1.07 7.59 -7.79
CA GLY B 188 0.74 8.92 -8.26
C GLY B 188 -0.72 9.16 -8.55
N PHE B 189 -1.62 8.37 -7.97
CA PHE B 189 -3.06 8.54 -8.13
C PHE B 189 -3.76 7.68 -7.09
N TRP B 190 -5.08 7.86 -6.98
CA TRP B 190 -5.87 7.15 -5.99
C TRP B 190 -6.58 5.96 -6.62
N PRO B 191 -6.19 4.73 -6.31
CA PRO B 191 -6.78 3.55 -6.95
C PRO B 191 -7.85 2.83 -6.15
N PHE B 192 -8.40 3.46 -5.10
CA PHE B 192 -9.34 2.79 -4.21
C PHE B 192 -10.77 3.30 -4.33
N GLY B 193 -10.99 4.38 -5.06
CA GLY B 193 -12.35 4.84 -5.32
C GLY B 193 -12.83 5.88 -4.33
N ASN B 194 -14.05 6.35 -4.59
CA ASN B 194 -14.61 7.47 -3.83
C ASN B 194 -14.87 7.10 -2.37
N ALA B 195 -15.52 5.96 -2.15
CA ALA B 195 -15.93 5.57 -0.80
C ALA B 195 -14.74 5.65 0.17
N LEU B 196 -13.63 5.01 -0.19
CA LEU B 196 -12.45 5.02 0.66
C LEU B 196 -11.78 6.39 0.68
N CYS B 197 -11.86 7.14 -0.42
CA CYS B 197 -11.37 8.52 -0.43
C CYS B 197 -12.04 9.34 0.66
N LYS B 198 -13.38 9.38 0.65
CA LYS B 198 -14.14 10.10 1.66
C LYS B 198 -13.79 9.62 3.07
N THR B 199 -13.71 8.30 3.25
CA THR B 199 -13.38 7.75 4.57
C THR B 199 -12.04 8.26 5.06
N VAL B 200 -11.03 8.23 4.18
CA VAL B 200 -9.69 8.64 4.58
C VAL B 200 -9.67 10.12 4.97
N ILE B 201 -10.27 10.97 4.13
CA ILE B 201 -10.30 12.41 4.41
C ILE B 201 -10.96 12.66 5.75
N ALA B 202 -12.12 12.03 5.99
CA ALA B 202 -12.82 12.18 7.25
C ALA B 202 -11.91 11.83 8.42
N ILE B 203 -11.26 10.67 8.36
CA ILE B 203 -10.39 10.23 9.46
C ILE B 203 -9.30 11.27 9.71
N ASP B 204 -8.70 11.79 8.64
CA ASP B 204 -7.63 12.77 8.78
C ASP B 204 -8.08 13.97 9.60
N TYR B 205 -9.18 14.60 9.20
CA TYR B 205 -9.68 15.78 9.91
C TYR B 205 -10.13 15.42 11.32
N TYR B 206 -10.86 14.31 11.44
CA TYR B 206 -11.25 13.82 12.76
C TYR B 206 -10.03 13.72 13.68
N ASN B 207 -8.94 13.17 13.16
CA ASN B 207 -7.73 12.99 13.94
C ASN B 207 -7.24 14.31 14.51
N MET B 208 -7.16 15.34 13.65
CA MET B 208 -6.65 16.64 14.11
C MET B 208 -7.54 17.23 15.18
N PHE B 209 -8.85 17.28 14.93
CA PHE B 209 -9.75 17.95 15.86
C PHE B 209 -9.89 17.16 17.17
N THR B 210 -10.05 15.84 17.10
CA THR B 210 -10.12 15.06 18.33
C THR B 210 -8.83 15.18 19.14
N SER B 211 -7.69 15.19 18.45
CA SER B 211 -6.41 15.27 19.15
C SER B 211 -6.28 16.57 19.94
N THR B 212 -6.41 17.71 19.25
CA THR B 212 -6.27 19.00 19.91
C THR B 212 -7.29 19.17 21.02
N PHE B 213 -8.57 18.87 20.73
CA PHE B 213 -9.61 19.02 21.74
C PHE B 213 -9.35 18.14 22.96
N THR B 214 -8.92 16.89 22.72
CA THR B 214 -8.62 16.00 23.84
C THR B 214 -7.46 16.54 24.68
N LEU B 215 -6.42 17.06 24.01
CA LEU B 215 -5.31 17.64 24.75
C LEU B 215 -5.76 18.82 25.60
N THR B 216 -6.65 19.65 25.05
CA THR B 216 -7.22 20.75 25.82
C THR B 216 -7.96 20.21 27.05
N ALA B 217 -8.76 19.16 26.87
CA ALA B 217 -9.50 18.59 27.99
C ALA B 217 -8.55 18.06 29.06
N MET B 218 -7.47 17.39 28.64
CA MET B 218 -6.48 16.91 29.59
C MET B 218 -5.85 18.06 30.37
N SER B 219 -5.59 19.17 29.68
CA SER B 219 -4.92 20.30 30.31
C SER B 219 -5.82 20.95 31.37
N VAL B 220 -7.10 21.15 31.04
CA VAL B 220 -8.05 21.65 32.02
C VAL B 220 -8.15 20.69 33.20
N ASP B 221 -8.23 19.38 32.91
CA ASP B 221 -8.25 18.37 33.96
C ASP B 221 -7.06 18.52 34.90
N ARG B 222 -5.86 18.71 34.34
CA ARG B 222 -4.67 18.93 35.15
C ARG B 222 -4.82 20.18 36.01
N TYR B 223 -5.27 21.29 35.41
CA TYR B 223 -5.45 22.52 36.17
C TYR B 223 -6.40 22.32 37.33
N VAL B 224 -7.51 21.62 37.09
CA VAL B 224 -8.48 21.35 38.16
C VAL B 224 -7.81 20.54 39.27
N ALA B 225 -6.96 19.58 38.90
CA ALA B 225 -6.30 18.76 39.90
C ALA B 225 -5.35 19.58 40.76
N ILE B 226 -4.63 20.53 40.16
CA ILE B 226 -3.64 21.31 40.88
C ILE B 226 -4.29 22.38 41.75
N CYS B 227 -5.26 23.10 41.20
CA CYS B 227 -5.81 24.25 41.92
C CYS B 227 -7.00 23.90 42.81
N HIS B 228 -7.65 22.76 42.61
CA HIS B 228 -8.83 22.36 43.39
C HIS B 228 -8.71 20.90 43.77
N PRO B 229 -7.84 20.55 44.73
CA PRO B 229 -7.66 19.13 45.07
C PRO B 229 -8.91 18.42 45.57
N ILE B 230 -9.54 19.01 46.58
CA ILE B 230 -10.60 18.33 47.32
C ILE B 230 -11.81 18.06 46.43
N ARG B 231 -12.23 19.04 45.66
CA ARG B 231 -13.32 18.85 44.72
C ARG B 231 -12.88 18.09 43.48
N ALA B 232 -11.59 18.14 43.13
CA ALA B 232 -11.07 17.34 42.02
C ALA B 232 -11.35 15.86 42.23
N LEU B 233 -11.31 15.40 43.48
CA LEU B 233 -11.61 14.00 43.75
C LEU B 233 -13.01 13.64 43.25
N ASP B 234 -13.99 14.50 43.51
CA ASP B 234 -15.34 14.25 43.01
C ASP B 234 -15.43 14.59 41.52
N VAL B 235 -14.69 15.60 41.06
CA VAL B 235 -14.85 16.05 39.69
C VAL B 235 -14.25 15.04 38.70
N ARG B 236 -13.06 14.53 39.01
CA ARG B 236 -12.25 13.82 38.00
C ARG B 236 -12.60 12.34 37.89
N THR B 237 -13.88 12.00 38.03
CA THR B 237 -14.35 10.66 37.77
C THR B 237 -14.18 10.33 36.28
N SER B 238 -13.91 9.06 36.00
CA SER B 238 -13.72 8.62 34.63
C SER B 238 -15.00 8.74 33.82
N SER B 239 -16.16 8.57 34.47
CA SER B 239 -17.44 8.67 33.77
C SER B 239 -17.58 10.04 33.12
N LYS B 240 -17.17 11.09 33.81
CA LYS B 240 -17.26 12.44 33.25
C LYS B 240 -16.27 12.63 32.11
N ALA B 241 -15.05 12.08 32.27
CA ALA B 241 -14.08 12.15 31.19
C ALA B 241 -14.58 11.42 29.95
N GLN B 242 -15.25 10.29 30.15
CA GLN B 242 -15.90 9.59 29.04
C GLN B 242 -16.91 10.51 28.34
N ALA B 243 -17.73 11.20 29.14
CA ALA B 243 -18.69 12.15 28.58
C ALA B 243 -17.98 13.22 27.75
N VAL B 244 -16.85 13.72 28.24
CA VAL B 244 -16.09 14.73 27.50
C VAL B 244 -15.64 14.18 26.15
N ASN B 245 -15.14 12.94 26.14
CA ASN B 245 -14.75 12.29 24.89
C ASN B 245 -15.90 12.30 23.90
N VAL B 246 -17.12 12.02 24.38
CA VAL B 246 -18.30 12.03 23.52
C VAL B 246 -18.50 13.41 22.93
N ALA B 247 -18.42 14.45 23.76
CA ALA B 247 -18.58 15.81 23.25
C ALA B 247 -17.47 16.15 22.26
N ILE B 248 -16.27 15.63 22.49
CA ILE B 248 -15.14 15.92 21.61
C ILE B 248 -15.39 15.36 20.22
N TRP B 249 -15.89 14.12 20.15
CA TRP B 249 -16.19 13.52 18.85
C TRP B 249 -17.38 14.20 18.19
N ALA B 250 -18.30 14.76 18.97
CA ALA B 250 -19.40 15.54 18.41
C ALA B 250 -18.86 16.79 17.71
N LEU B 251 -18.07 17.59 18.42
CA LEU B 251 -17.46 18.78 17.84
C LEU B 251 -16.62 18.44 16.61
N ALA B 252 -15.75 17.43 16.71
CA ALA B 252 -14.96 16.99 15.57
C ALA B 252 -15.85 16.65 14.38
N SER B 253 -16.99 15.98 14.64
CA SER B 253 -17.87 15.59 13.55
C SER B 253 -18.44 16.81 12.83
N VAL B 254 -18.66 17.91 13.57
CA VAL B 254 -19.12 19.16 12.94
C VAL B 254 -18.23 19.52 11.75
N VAL B 255 -16.96 19.20 11.82
CA VAL B 255 -16.09 19.38 10.66
C VAL B 255 -15.96 18.04 9.92
N GLY B 256 -15.85 16.94 10.67
CA GLY B 256 -15.51 15.65 10.07
C GLY B 256 -16.45 15.22 8.96
N VAL B 257 -17.76 15.26 9.22
CA VAL B 257 -18.79 14.82 8.28
C VAL B 257 -18.89 15.79 7.09
N PRO B 258 -18.90 17.12 7.29
CA PRO B 258 -18.87 18.01 6.12
C PRO B 258 -17.69 17.77 5.18
N VAL B 259 -16.46 17.65 5.69
CA VAL B 259 -15.30 17.42 4.82
C VAL B 259 -15.45 16.11 4.04
N ALA B 260 -15.93 15.05 4.68
CA ALA B 260 -16.12 13.79 3.98
C ALA B 260 -17.06 13.95 2.79
N ILE B 261 -18.15 14.72 2.97
CA ILE B 261 -19.05 15.01 1.86
C ILE B 261 -18.30 15.73 0.75
N MET B 262 -17.54 16.76 1.11
CA MET B 262 -16.80 17.53 0.12
C MET B 262 -15.73 16.69 -0.57
N GLY B 263 -15.15 15.73 0.13
CA GLY B 263 -14.09 14.92 -0.45
C GLY B 263 -14.63 13.98 -1.52
N SER B 264 -13.78 13.71 -2.50
CA SER B 264 -14.15 12.84 -3.62
C SER B 264 -12.88 12.45 -4.35
N ALA B 265 -13.01 11.42 -5.18
CA ALA B 265 -11.89 10.95 -5.99
C ALA B 265 -11.90 11.63 -7.36
N GLU B 271 -5.26 11.79 -14.92
CA GLU B 271 -5.25 10.98 -13.70
C GLU B 271 -6.35 11.44 -12.74
N ILE B 272 -6.54 10.67 -11.67
CA ILE B 272 -7.56 10.94 -10.67
C ILE B 272 -6.89 10.94 -9.29
N GLU B 273 -7.41 11.78 -8.39
CA GLU B 273 -6.78 11.98 -7.09
C GLU B 273 -7.83 12.25 -6.02
N CYS B 274 -7.44 11.97 -4.78
CA CYS B 274 -8.26 12.16 -3.59
C CYS B 274 -8.01 13.56 -3.02
N LEU B 275 -9.06 14.37 -2.91
CA LEU B 275 -8.92 15.75 -2.48
C LEU B 275 -10.28 16.28 -2.02
N VAL B 276 -10.22 17.44 -1.35
CA VAL B 276 -11.39 18.18 -0.90
C VAL B 276 -11.66 19.31 -1.87
N GLU B 277 -12.93 19.47 -2.26
CA GLU B 277 -13.35 20.48 -3.22
C GLU B 277 -13.74 21.75 -2.48
N ILE B 278 -13.12 22.86 -2.83
CA ILE B 278 -13.38 24.16 -2.20
C ILE B 278 -14.36 24.94 -3.07
N PRO B 279 -15.43 25.50 -2.50
CA PRO B 279 -16.47 26.12 -3.31
C PRO B 279 -16.00 27.39 -4.01
N THR B 280 -16.58 27.62 -5.19
CA THR B 280 -16.37 28.83 -5.97
C THR B 280 -17.08 30.01 -5.32
N PRO B 281 -16.41 31.19 -5.24
CA PRO B 281 -15.04 31.41 -5.73
C PRO B 281 -13.97 30.87 -4.79
N GLN B 282 -12.96 30.23 -5.38
CA GLN B 282 -11.82 29.75 -4.60
C GLN B 282 -11.16 30.88 -3.83
N ASP B 283 -11.17 32.09 -4.42
CA ASP B 283 -10.47 33.21 -3.81
C ASP B 283 -11.14 33.67 -2.53
N TYR B 284 -12.47 33.56 -2.44
CA TYR B 284 -13.13 33.99 -1.22
C TYR B 284 -13.07 32.89 -0.17
N TRP B 285 -13.39 31.66 -0.55
CA TRP B 285 -13.56 30.59 0.42
C TRP B 285 -12.24 29.99 0.87
N GLY B 286 -11.30 29.82 -0.06
CA GLY B 286 -9.99 29.30 0.25
C GLY B 286 -9.42 29.91 1.52
N PRO B 287 -9.29 31.24 1.54
CA PRO B 287 -8.85 31.90 2.78
C PRO B 287 -9.80 31.70 3.94
N VAL B 288 -11.12 31.69 3.69
CA VAL B 288 -12.09 31.51 4.77
C VAL B 288 -11.88 30.18 5.46
N PHE B 289 -11.89 29.09 4.70
CA PHE B 289 -11.70 27.78 5.30
C PHE B 289 -10.28 27.64 5.86
N ALA B 290 -9.29 28.20 5.16
CA ALA B 290 -7.92 28.10 5.64
C ALA B 290 -7.77 28.77 7.01
N ILE B 291 -8.29 30.00 7.15
CA ILE B 291 -8.12 30.73 8.39
C ILE B 291 -8.95 30.12 9.51
N CYS B 292 -10.16 29.66 9.19
CA CYS B 292 -11.04 29.14 10.24
C CYS B 292 -10.55 27.78 10.74
N ILE B 293 -10.16 26.90 9.82
CA ILE B 293 -9.58 25.63 10.23
C ILE B 293 -8.29 25.87 11.02
N PHE B 294 -7.48 26.84 10.59
CA PHE B 294 -6.24 27.13 11.29
C PHE B 294 -6.52 27.57 12.72
N LEU B 295 -7.51 28.45 12.91
CA LEU B 295 -7.80 28.97 14.24
C LEU B 295 -8.45 27.90 15.12
N PHE B 296 -9.50 27.27 14.63
CA PHE B 296 -10.35 26.44 15.48
C PHE B 296 -9.82 25.01 15.62
N SER B 297 -9.05 24.51 14.65
CA SER B 297 -8.41 23.22 14.85
C SER B 297 -7.21 23.35 15.77
N PHE B 298 -6.51 24.48 15.73
CA PHE B 298 -5.16 24.54 16.27
C PHE B 298 -4.93 25.66 17.27
N ILE B 299 -4.96 26.92 16.80
CA ILE B 299 -4.50 28.04 17.63
C ILE B 299 -5.34 28.15 18.89
N VAL B 300 -6.67 28.15 18.77
CA VAL B 300 -7.53 28.32 19.93
C VAL B 300 -7.34 27.19 20.95
N PRO B 301 -7.35 25.89 20.56
CA PRO B 301 -7.09 24.85 21.56
C PRO B 301 -5.77 25.03 22.29
N VAL B 302 -4.69 25.26 21.53
CA VAL B 302 -3.38 25.48 22.13
C VAL B 302 -3.41 26.68 23.06
N LEU B 303 -4.11 27.74 22.67
CA LEU B 303 -4.23 28.94 23.49
C LEU B 303 -4.81 28.61 24.86
N VAL B 304 -5.92 27.87 24.88
CA VAL B 304 -6.55 27.47 26.14
C VAL B 304 -5.58 26.66 26.98
N ILE B 305 -4.87 25.72 26.36
CA ILE B 305 -3.89 24.91 27.07
C ILE B 305 -2.85 25.81 27.74
N SER B 306 -2.38 26.83 27.02
CA SER B 306 -1.43 27.77 27.58
C SER B 306 -1.97 28.43 28.83
N VAL B 307 -3.24 28.86 28.79
CA VAL B 307 -3.87 29.51 29.93
C VAL B 307 -3.86 28.58 31.14
N CYS B 308 -4.23 27.32 30.94
CA CYS B 308 -4.30 26.36 32.04
C CYS B 308 -2.98 26.25 32.78
N TYR B 309 -1.90 26.00 32.05
CA TYR B 309 -0.60 25.81 32.69
C TYR B 309 -0.10 27.09 33.36
N SER B 310 -0.35 28.24 32.73
CA SER B 310 0.01 29.51 33.37
C SER B 310 -0.64 29.63 34.74
N LEU B 311 -1.95 29.39 34.80
CA LEU B 311 -2.67 29.46 36.06
C LEU B 311 -2.08 28.51 37.10
N MET B 312 -1.66 27.32 36.68
CA MET B 312 -1.07 26.37 37.61
C MET B 312 0.29 26.85 38.13
N ILE B 313 0.97 27.75 37.41
CA ILE B 313 2.25 28.27 37.87
C ILE B 313 1.95 29.18 39.04
N ARG B 314 1.28 30.30 38.75
CA ARG B 314 0.98 31.30 39.77
C ARG B 314 0.37 30.65 41.02
N ARG B 315 -0.56 29.71 40.82
CA ARG B 315 -1.19 29.01 41.94
C ARG B 315 -0.15 28.25 42.76
N LEU B 316 0.81 27.60 42.13
CA LEU B 316 1.88 26.90 42.85
C LEU B 316 2.77 27.87 43.61
N GLU B 327 1.83 14.80 51.14
CA GLU B 327 1.98 13.35 51.01
C GLU B 327 2.75 13.01 49.74
N LYS B 328 2.04 12.66 48.68
CA LYS B 328 2.65 12.37 47.38
C LYS B 328 2.08 13.32 46.35
N ASP B 329 2.47 14.60 46.46
CA ASP B 329 2.28 15.53 45.37
C ASP B 329 2.98 15.04 44.11
N ARG B 330 3.99 14.18 44.29
CA ARG B 330 4.85 13.73 43.20
C ARG B 330 4.04 13.18 42.03
N ASN B 331 3.02 12.37 42.32
CA ASN B 331 2.17 11.84 41.25
C ASN B 331 1.57 12.97 40.43
N LEU B 332 1.01 13.99 41.10
CA LEU B 332 0.42 15.12 40.39
C LEU B 332 1.44 15.79 39.49
N ARG B 333 2.65 16.03 40.00
CA ARG B 333 3.69 16.66 39.20
C ARG B 333 4.09 15.78 38.03
N ARG B 334 4.17 14.47 38.26
CA ARG B 334 4.60 13.56 37.20
C ARG B 334 3.57 13.50 36.07
N ILE B 335 2.29 13.34 36.43
CA ILE B 335 1.23 13.30 35.43
C ILE B 335 1.15 14.64 34.69
N THR B 336 1.21 15.74 35.44
CA THR B 336 1.16 17.07 34.83
C THR B 336 2.28 17.26 33.82
N ARG B 337 3.51 16.91 34.22
CA ARG B 337 4.63 16.92 33.29
C ARG B 337 4.34 16.07 32.06
N LEU B 338 3.72 14.90 32.27
CA LEU B 338 3.39 14.01 31.16
C LEU B 338 2.50 14.70 30.15
N VAL B 339 1.37 15.26 30.59
CA VAL B 339 0.45 15.95 29.69
C VAL B 339 1.19 17.04 28.93
N LEU B 340 2.01 17.81 29.63
CA LEU B 340 2.73 18.92 28.99
C LEU B 340 3.65 18.40 27.89
N VAL B 341 4.31 17.27 28.11
CA VAL B 341 5.21 16.71 27.10
C VAL B 341 4.42 16.29 25.87
N VAL B 342 3.30 15.59 26.07
CA VAL B 342 2.48 15.13 24.96
C VAL B 342 2.02 16.31 24.11
N VAL B 343 1.57 17.39 24.77
CA VAL B 343 1.19 18.60 24.05
C VAL B 343 2.37 19.12 23.23
N ALA B 344 3.54 19.23 23.86
CA ALA B 344 4.70 19.80 23.18
C ALA B 344 5.07 18.98 21.94
N VAL B 345 5.20 17.66 22.09
CA VAL B 345 5.52 16.80 20.97
C VAL B 345 4.50 16.98 19.84
N PHE B 346 3.22 17.03 20.21
CA PHE B 346 2.15 17.20 19.23
C PHE B 346 2.31 18.50 18.46
N VAL B 347 2.44 19.63 19.17
CA VAL B 347 2.57 20.91 18.51
C VAL B 347 3.81 20.94 17.61
N GLY B 348 4.93 20.41 18.10
CA GLY B 348 6.14 20.37 17.29
C GLY B 348 5.96 19.57 16.01
N CYS B 349 5.18 18.49 16.08
CA CYS B 349 5.00 17.64 14.90
C CYS B 349 4.09 18.30 13.88
N TRP B 350 3.03 18.97 14.33
CA TRP B 350 1.97 19.40 13.42
C TRP B 350 2.03 20.88 13.04
N THR B 351 2.93 21.67 13.66
CA THR B 351 3.00 23.09 13.30
C THR B 351 3.46 23.31 11.86
N PRO B 352 4.53 22.66 11.36
CA PRO B 352 4.91 22.90 9.95
C PRO B 352 3.77 22.71 8.97
N VAL B 353 3.09 21.57 9.06
CA VAL B 353 1.97 21.27 8.16
C VAL B 353 0.90 22.35 8.28
N GLN B 354 0.55 22.72 9.52
CA GLN B 354 -0.48 23.74 9.75
C GLN B 354 -0.15 25.03 9.02
N VAL B 355 1.08 25.51 9.14
CA VAL B 355 1.47 26.78 8.53
C VAL B 355 1.40 26.67 7.00
N PHE B 356 1.95 25.58 6.45
CA PHE B 356 1.98 25.42 5.01
C PHE B 356 0.56 25.35 4.43
N VAL B 357 -0.33 24.58 5.08
CA VAL B 357 -1.71 24.51 4.61
C VAL B 357 -2.37 25.88 4.71
N LEU B 358 -2.10 26.62 5.78
CA LEU B 358 -2.60 27.99 5.88
C LEU B 358 -2.14 28.81 4.69
N ALA B 359 -0.88 28.64 4.28
CA ALA B 359 -0.37 29.38 3.12
C ALA B 359 -1.00 28.89 1.83
N GLN B 360 -1.26 27.58 1.72
CA GLN B 360 -1.91 27.03 0.53
C GLN B 360 -3.31 27.62 0.35
N GLY B 361 -4.06 27.75 1.45
CA GLY B 361 -5.36 28.39 1.35
C GLY B 361 -5.28 29.84 0.94
N LEU B 362 -4.16 30.49 1.25
CA LEU B 362 -3.95 31.90 0.93
C LEU B 362 -3.29 32.10 -0.43
N GLY B 363 -3.10 31.03 -1.21
CA GLY B 363 -2.57 31.15 -2.55
C GLY B 363 -1.09 30.89 -2.72
N VAL B 364 -0.41 30.37 -1.69
CA VAL B 364 1.00 30.03 -1.79
C VAL B 364 1.10 28.54 -2.14
N GLN B 365 1.63 28.25 -3.32
CA GLN B 365 1.65 26.88 -3.82
C GLN B 365 3.07 26.40 -4.05
N PRO B 366 3.37 25.13 -3.76
CA PRO B 366 4.67 24.57 -4.12
C PRO B 366 4.71 24.17 -5.58
N SER B 367 5.82 24.50 -6.24
CA SER B 367 6.03 24.15 -7.63
C SER B 367 7.49 23.82 -7.87
N SER B 368 8.07 22.99 -7.01
CA SER B 368 9.43 22.53 -7.22
C SER B 368 9.62 21.19 -6.52
N GLU B 369 10.60 20.42 -7.00
CA GLU B 369 10.91 19.13 -6.40
C GLU B 369 11.19 19.27 -4.92
N THR B 370 12.02 20.25 -4.55
CA THR B 370 12.36 20.47 -3.15
C THR B 370 11.12 20.84 -2.34
N ALA B 371 10.29 21.76 -2.86
CA ALA B 371 9.10 22.18 -2.14
C ALA B 371 8.18 20.99 -1.87
N VAL B 372 7.89 20.19 -2.90
CA VAL B 372 7.05 19.01 -2.73
C VAL B 372 7.66 18.08 -1.68
N ALA B 373 8.96 17.83 -1.78
CA ALA B 373 9.62 16.91 -0.87
C ALA B 373 9.49 17.37 0.58
N ILE B 374 9.76 18.65 0.84
CA ILE B 374 9.61 19.22 2.17
C ILE B 374 8.19 18.98 2.68
N LEU B 375 7.20 19.24 1.83
CA LEU B 375 5.81 19.06 2.23
C LEU B 375 5.53 17.60 2.58
N ARG B 376 5.97 16.68 1.72
CA ARG B 376 5.76 15.25 1.97
C ARG B 376 6.34 14.83 3.31
N PHE B 377 7.54 15.34 3.64
CA PHE B 377 8.19 14.94 4.88
C PHE B 377 7.56 15.58 6.11
N CYS B 378 7.03 16.79 5.98
CA CYS B 378 6.34 17.41 7.11
C CYS B 378 5.03 16.69 7.40
N THR B 379 4.28 16.35 6.36
CA THR B 379 3.08 15.54 6.52
C THR B 379 3.42 14.19 7.18
N ALA B 380 4.50 13.55 6.72
CA ALA B 380 4.98 12.33 7.37
C ALA B 380 5.26 12.57 8.84
N LEU B 381 5.93 13.68 9.16
CA LEU B 381 6.30 14.02 10.54
C LEU B 381 5.09 13.98 11.46
N GLY B 382 4.02 14.69 11.08
CA GLY B 382 2.79 14.62 11.87
C GLY B 382 2.29 13.20 12.04
N TYR B 383 2.39 12.38 10.99
CA TYR B 383 1.96 10.99 11.08
C TYR B 383 2.84 10.19 12.02
N VAL B 384 4.12 10.57 12.14
CA VAL B 384 5.00 9.95 13.13
C VAL B 384 4.45 10.17 14.53
N ASN B 385 3.81 11.32 14.77
CA ASN B 385 3.36 11.66 16.12
C ASN B 385 2.41 10.61 16.69
N SER B 386 1.54 10.06 15.84
CA SER B 386 0.62 9.03 16.29
C SER B 386 1.36 7.85 16.90
N CYS B 387 2.47 7.44 16.28
CA CYS B 387 3.22 6.31 16.81
C CYS B 387 3.96 6.69 18.09
N LEU B 388 4.27 7.97 18.25
CA LEU B 388 5.19 8.41 19.29
C LEU B 388 4.59 8.26 20.70
N ASN B 389 3.31 8.55 20.83
CA ASN B 389 2.71 8.72 22.16
C ASN B 389 2.88 7.52 23.09
N PRO B 390 2.66 6.26 22.65
CA PRO B 390 2.93 5.13 23.55
C PRO B 390 4.31 5.18 24.19
N ILE B 391 5.36 5.49 23.43
CA ILE B 391 6.71 5.59 23.98
C ILE B 391 6.77 6.65 25.07
N LEU B 392 6.13 7.80 24.86
CA LEU B 392 6.07 8.83 25.89
C LEU B 392 5.43 8.28 27.17
N TYR B 393 4.27 7.65 27.04
CA TYR B 393 3.63 7.04 28.19
C TYR B 393 4.56 6.00 28.82
N ALA B 394 5.29 5.26 27.99
CA ALA B 394 6.17 4.21 28.51
C ALA B 394 7.31 4.80 29.33
N PHE B 395 7.78 5.99 28.99
CA PHE B 395 8.94 6.56 29.66
C PHE B 395 8.59 7.52 30.78
N LEU B 396 7.42 8.17 30.72
CA LEU B 396 7.07 9.20 31.69
C LEU B 396 5.88 8.84 32.56
N ASP B 397 5.33 7.62 32.44
CA ASP B 397 4.20 7.20 33.26
C ASP B 397 4.57 5.87 33.91
N GLU B 398 4.59 5.85 35.24
CA GLU B 398 5.02 4.66 35.97
C GLU B 398 4.10 3.46 35.70
N ASN B 399 2.78 3.69 35.77
CA ASN B 399 1.83 2.59 35.61
C ASN B 399 1.98 1.94 34.23
N PHE B 400 1.96 2.77 33.18
CA PHE B 400 2.15 2.26 31.82
C PHE B 400 3.49 1.57 31.68
N LYS B 401 4.54 2.16 32.26
CA LYS B 401 5.86 1.53 32.26
C LYS B 401 5.79 0.11 32.79
N ALA B 402 5.07 -0.08 33.90
CA ALA B 402 4.95 -1.42 34.48
C ALA B 402 4.21 -2.36 33.55
N CYS B 403 3.04 -1.95 33.06
CA CYS B 403 2.24 -2.81 32.20
C CYS B 403 2.97 -3.15 30.92
N PHE B 404 3.77 -2.21 30.39
CA PHE B 404 4.53 -2.52 29.19
C PHE B 404 5.66 -3.49 29.49
N ARG B 405 6.16 -3.48 30.73
CA ARG B 405 7.13 -4.50 31.15
C ARG B 405 6.50 -5.89 31.14
N LYS B 406 5.21 -5.98 31.44
CA LYS B 406 4.51 -7.26 31.34
C LYS B 406 4.63 -7.84 29.94
N PHE B 407 4.23 -7.06 28.94
CA PHE B 407 4.37 -7.49 27.55
C PHE B 407 5.78 -7.20 27.04
#